data_6FLN
#
_entry.id   6FLN
#
_cell.length_a   89.920
_cell.length_b   89.920
_cell.length_c   827.090
_cell.angle_alpha   90.00
_cell.angle_beta   90.00
_cell.angle_gamma   120.00
#
_symmetry.space_group_name_H-M   'P 61 2 2'
#
_entity_poly.entity_id   1
_entity_poly.type   'polypeptide(L)'
_entity_poly.pdbx_seq_one_letter_code
;GAMASLSQASADLEATLRHKLTVMYSQINGASRALDDVRNRQQDVRMTANRKVEQLQQEYTEMKALLDASETTSTRKIKE
EEKRVNSKFDTIYQILLKKKSEIQTLKEEIEQSLTKRDEFEFLEKASKLRGISTKPVYIPEVELNHKLIKGIHQSTIDLK
NELKQCIGRLQEPTPSSGDPGEHDPASTHKSTRPVKKVSKEEKKSKKPPPVPALPSKLPTFGAPEQLVDLKQAGLEAAAK
ATSSHPNSTSLKAKVLETFLAKSRPELLEYYIKVILDYNTAHNKVALSECYTVASVAEMPQNYRPHPQRFTYCSQVLGLH
CYKKGIHYWEVELQKNNFCGVGICYGSMNRQGPESRLGRNSASWCVEWFNTKISAWHNNVEKTLPSTKATRVGVLLNCDH
GFVIFFAVADKVHLMYKFRVDFTEALYPAFWVFSAGATLSICSPK
;
_entity_poly.pdbx_strand_id   A,B,E
#
# COMPACT_ATOMS: atom_id res chain seq x y z
N ALA A 4 -14.68 64.63 -31.68
CA ALA A 4 -15.46 65.77 -31.08
C ALA A 4 -16.92 65.88 -31.62
N SER A 5 -17.52 64.76 -32.02
CA SER A 5 -18.84 64.73 -32.72
C SER A 5 -19.84 63.79 -32.00
N LEU A 6 -21.14 63.91 -32.31
CA LEU A 6 -22.18 63.02 -31.72
C LEU A 6 -22.43 61.78 -32.57
N SER A 7 -23.10 61.95 -33.71
CA SER A 7 -23.59 60.81 -34.50
C SER A 7 -22.46 59.84 -34.89
N GLN A 8 -21.25 60.38 -35.11
CA GLN A 8 -20.06 59.55 -35.39
C GLN A 8 -19.57 58.79 -34.15
N ALA A 9 -19.69 59.37 -32.95
CA ALA A 9 -19.37 58.66 -31.71
C ALA A 9 -20.42 57.61 -31.37
N SER A 10 -21.69 57.97 -31.55
CA SER A 10 -22.83 57.05 -31.44
C SER A 10 -22.67 55.86 -32.40
N ALA A 11 -22.21 56.13 -33.62
CA ALA A 11 -21.91 55.09 -34.61
C ALA A 11 -20.65 54.28 -34.27
N ASP A 12 -19.57 54.96 -33.86
CA ASP A 12 -18.31 54.28 -33.46
C ASP A 12 -18.48 53.37 -32.24
N LEU A 13 -19.38 53.76 -31.33
CA LEU A 13 -19.85 52.84 -30.28
C LEU A 13 -20.65 51.70 -30.93
N GLU A 14 -21.81 52.04 -31.48
CA GLU A 14 -22.78 51.08 -32.03
C GLU A 14 -22.15 49.98 -32.90
N ALA A 15 -21.22 50.40 -33.76
CA ALA A 15 -20.51 49.50 -34.68
C ALA A 15 -19.65 48.46 -33.96
N THR A 16 -18.76 48.90 -33.08
CA THR A 16 -17.88 47.98 -32.34
C THR A 16 -18.63 47.25 -31.22
N LEU A 17 -19.78 47.79 -30.81
CA LEU A 17 -20.64 47.19 -29.78
C LEU A 17 -21.31 45.90 -30.28
N ARG A 18 -21.98 45.97 -31.43
CA ARG A 18 -22.67 44.80 -31.99
C ARG A 18 -21.68 43.75 -32.54
N HIS A 19 -20.47 44.18 -32.88
CA HIS A 19 -19.36 43.27 -33.22
C HIS A 19 -19.05 42.28 -32.10
N LYS A 20 -19.08 42.77 -30.85
CA LYS A 20 -18.94 41.90 -29.68
C LYS A 20 -20.19 41.06 -29.43
N LEU A 21 -21.38 41.66 -29.60
CA LEU A 21 -22.66 40.94 -29.49
C LEU A 21 -22.74 39.74 -30.45
N THR A 22 -22.35 39.97 -31.71
CA THR A 22 -22.32 38.91 -32.73
C THR A 22 -21.30 37.80 -32.41
N VAL A 23 -20.17 38.16 -31.79
CA VAL A 23 -19.20 37.16 -31.31
C VAL A 23 -19.75 36.40 -30.10
N MET A 24 -20.45 37.11 -29.20
CA MET A 24 -21.06 36.49 -28.02
C MET A 24 -22.15 35.45 -28.38
N TYR A 25 -22.92 35.69 -29.44
CA TYR A 25 -23.82 34.64 -29.98
C TYR A 25 -23.05 33.33 -30.21
N SER A 26 -21.96 33.44 -30.99
CA SER A 26 -21.11 32.29 -31.35
C SER A 26 -20.34 31.72 -30.15
N GLN A 27 -20.02 32.55 -29.17
CA GLN A 27 -19.50 32.06 -27.90
C GLN A 27 -20.55 31.22 -27.15
N ILE A 28 -21.77 31.76 -27.02
CA ILE A 28 -22.86 31.06 -26.30
C ILE A 28 -23.30 29.77 -27.00
N ASN A 29 -23.46 29.83 -28.32
CA ASN A 29 -23.72 28.63 -29.12
C ASN A 29 -22.51 27.67 -29.13
N GLY A 30 -21.31 28.22 -29.00
CA GLY A 30 -20.09 27.43 -28.76
C GLY A 30 -20.05 26.73 -27.40
N ALA A 31 -20.66 27.35 -26.38
CA ALA A 31 -20.87 26.70 -25.09
C ALA A 31 -21.99 25.65 -25.15
N SER A 32 -23.13 26.03 -25.70
CA SER A 32 -24.28 25.11 -25.86
C SER A 32 -23.91 23.76 -26.49
N ARG A 33 -23.02 23.80 -27.49
CA ARG A 33 -22.45 22.58 -28.10
C ARG A 33 -21.63 21.77 -27.09
N ALA A 34 -20.79 22.46 -26.29
CA ALA A 34 -19.97 21.81 -25.26
C ALA A 34 -20.81 21.20 -24.13
N LEU A 35 -21.91 21.88 -23.77
CA LEU A 35 -22.90 21.32 -22.82
C LEU A 35 -23.50 20.00 -23.33
N ASP A 36 -23.80 19.94 -24.63
CA ASP A 36 -24.33 18.73 -25.25
C ASP A 36 -23.26 17.64 -25.35
N ASP A 37 -22.05 18.02 -25.78
CA ASP A 37 -20.90 17.10 -25.89
C ASP A 37 -20.63 16.33 -24.59
N VAL A 38 -20.75 17.03 -23.45
CA VAL A 38 -20.50 16.42 -22.14
C VAL A 38 -21.57 15.36 -21.80
N ARG A 39 -22.84 15.76 -21.93
CA ARG A 39 -23.96 14.84 -21.68
C ARG A 39 -23.98 13.67 -22.65
N ASN A 40 -23.59 13.90 -23.90
CA ASN A 40 -23.38 12.81 -24.87
C ASN A 40 -22.21 11.91 -24.45
N ARG A 41 -21.11 12.51 -24.01
CA ARG A 41 -19.94 11.74 -23.55
C ARG A 41 -20.20 10.94 -22.25
N GLN A 42 -21.12 11.41 -21.41
CA GLN A 42 -21.57 10.63 -20.24
C GLN A 42 -22.30 9.35 -20.68
N GLN A 43 -23.22 9.49 -21.62
CA GLN A 43 -23.94 8.35 -22.23
C GLN A 43 -22.98 7.42 -22.94
N ASP A 44 -22.01 8.01 -23.66
CA ASP A 44 -20.90 7.27 -24.29
C ASP A 44 -20.18 6.33 -23.33
N VAL A 45 -19.87 6.84 -22.14
CA VAL A 45 -19.23 6.02 -21.08
C VAL A 45 -20.24 5.03 -20.48
N ARG A 46 -21.44 5.51 -20.15
CA ARG A 46 -22.50 4.66 -19.57
C ARG A 46 -22.77 3.37 -20.35
N MET A 47 -22.75 3.46 -21.69
CA MET A 47 -22.89 2.26 -22.52
C MET A 47 -21.63 1.40 -22.49
N THR A 48 -20.45 2.04 -22.52
CA THR A 48 -19.16 1.32 -22.42
C THR A 48 -19.02 0.54 -21.10
N ALA A 49 -19.65 1.06 -20.03
CA ALA A 49 -19.73 0.33 -18.76
C ALA A 49 -20.58 -0.93 -18.91
N ASN A 50 -21.82 -0.74 -19.37
CA ASN A 50 -22.77 -1.85 -19.55
C ASN A 50 -22.25 -2.92 -20.50
N ARG A 51 -21.56 -2.50 -21.57
CA ARG A 51 -20.96 -3.45 -22.51
C ARG A 51 -19.84 -4.28 -21.88
N LYS A 52 -19.04 -3.66 -21.02
CA LYS A 52 -17.99 -4.40 -20.29
C LYS A 52 -18.53 -5.23 -19.11
N VAL A 53 -19.64 -4.80 -18.54
CA VAL A 53 -20.34 -5.57 -17.49
C VAL A 53 -21.00 -6.81 -18.10
N GLU A 54 -21.82 -6.59 -19.14
CA GLU A 54 -22.43 -7.70 -19.89
C GLU A 54 -21.38 -8.67 -20.46
N GLN A 55 -20.21 -8.13 -20.84
CA GLN A 55 -19.04 -8.96 -21.24
C GLN A 55 -18.55 -9.87 -20.11
N LEU A 56 -18.65 -9.42 -18.86
CA LEU A 56 -18.30 -10.26 -17.70
C LEU A 56 -19.45 -11.19 -17.28
N GLN A 57 -20.69 -10.71 -17.37
CA GLN A 57 -21.87 -11.54 -17.09
C GLN A 57 -21.96 -12.80 -17.98
N GLN A 58 -21.48 -12.70 -19.22
CA GLN A 58 -21.30 -13.86 -20.11
C GLN A 58 -20.22 -14.78 -19.56
N GLU A 59 -19.02 -14.23 -19.40
CA GLU A 59 -17.83 -14.96 -18.92
C GLU A 59 -18.04 -15.71 -17.59
N TYR A 60 -18.78 -15.10 -16.66
CA TYR A 60 -19.13 -15.80 -15.41
C TYR A 60 -20.18 -16.90 -15.63
N THR A 61 -21.16 -16.65 -16.49
CA THR A 61 -22.18 -17.68 -16.84
C THR A 61 -21.57 -18.87 -17.59
N GLU A 62 -20.55 -18.62 -18.41
CA GLU A 62 -19.75 -19.70 -19.03
C GLU A 62 -19.09 -20.59 -17.97
N MET A 63 -18.55 -19.96 -16.93
CA MET A 63 -17.95 -20.68 -15.80
C MET A 63 -19.01 -21.41 -14.96
N LYS A 64 -20.15 -20.76 -14.72
CA LYS A 64 -21.28 -21.38 -13.99
C LYS A 64 -21.79 -22.65 -14.68
N ALA A 65 -21.88 -22.61 -16.02
CA ALA A 65 -22.29 -23.79 -16.80
C ALA A 65 -21.22 -24.90 -16.81
N LEU A 66 -19.95 -24.53 -16.78
CA LEU A 66 -18.84 -25.50 -16.68
C LEU A 66 -18.90 -26.36 -15.40
N LEU A 67 -19.35 -25.76 -14.30
CA LEU A 67 -19.57 -26.48 -13.05
C LEU A 67 -20.83 -27.34 -13.09
N ASP A 68 -21.87 -26.88 -13.79
CA ASP A 68 -23.09 -27.69 -14.02
C ASP A 68 -22.83 -28.94 -14.86
N ALA A 69 -21.83 -28.88 -15.73
CA ALA A 69 -21.37 -30.07 -16.47
C ALA A 69 -20.70 -31.06 -15.53
N SER A 70 -19.63 -30.62 -14.86
CA SER A 70 -18.86 -31.47 -13.95
C SER A 70 -19.72 -32.02 -12.79
N GLU A 71 -20.64 -31.19 -12.30
CA GLU A 71 -21.59 -31.59 -11.25
C GLU A 71 -22.43 -32.78 -11.67
N THR A 72 -22.99 -32.74 -12.87
CA THR A 72 -23.75 -33.89 -13.41
C THR A 72 -22.83 -35.06 -13.77
N THR A 73 -21.65 -34.74 -14.32
CA THR A 73 -20.66 -35.76 -14.72
C THR A 73 -20.12 -36.59 -13.55
N SER A 74 -19.87 -35.95 -12.41
CA SER A 74 -19.50 -36.70 -11.19
C SER A 74 -20.69 -37.43 -10.56
N THR A 75 -21.89 -36.83 -10.63
CA THR A 75 -23.13 -37.46 -10.14
C THR A 75 -23.49 -38.73 -10.91
N ARG A 76 -23.36 -38.68 -12.23
CA ARG A 76 -23.56 -39.85 -13.09
C ARG A 76 -22.68 -41.03 -12.63
N LYS A 77 -21.40 -40.72 -12.40
CA LYS A 77 -20.42 -41.70 -11.92
C LYS A 77 -20.83 -42.39 -10.61
N ILE A 78 -21.39 -41.62 -9.68
CA ILE A 78 -21.86 -42.18 -8.40
C ILE A 78 -23.12 -43.04 -8.58
N LYS A 79 -24.07 -42.54 -9.34
CA LYS A 79 -25.31 -43.31 -9.62
C LYS A 79 -25.03 -44.59 -10.43
N GLU A 80 -24.00 -44.56 -11.28
CA GLU A 80 -23.52 -45.81 -11.96
C GLU A 80 -23.01 -46.87 -10.96
N GLU A 81 -22.12 -46.46 -10.06
CA GLU A 81 -21.66 -47.31 -8.96
C GLU A 81 -22.81 -47.73 -8.01
N GLU A 82 -23.82 -46.87 -7.83
CA GLU A 82 -25.03 -47.26 -7.09
C GLU A 82 -25.79 -48.37 -7.82
N LYS A 83 -26.11 -48.11 -9.08
CA LYS A 83 -26.85 -49.07 -9.91
C LYS A 83 -26.10 -50.40 -10.08
N ARG A 84 -24.78 -50.34 -10.22
CA ARG A 84 -23.93 -51.54 -10.26
C ARG A 84 -24.19 -52.46 -9.07
N VAL A 85 -24.11 -51.89 -7.87
CA VAL A 85 -24.31 -52.65 -6.63
C VAL A 85 -25.77 -53.04 -6.44
N ASN A 86 -26.69 -52.09 -6.58
CA ASN A 86 -28.13 -52.39 -6.41
C ASN A 86 -28.70 -53.40 -7.43
N SER A 87 -28.14 -53.42 -8.64
CA SER A 87 -28.51 -54.44 -9.64
C SER A 87 -28.00 -55.83 -9.27
N LYS A 88 -26.86 -55.91 -8.60
CA LYS A 88 -26.33 -57.20 -8.09
C LYS A 88 -27.19 -57.77 -6.96
N PHE A 89 -27.72 -56.89 -6.11
CA PHE A 89 -28.71 -57.30 -5.11
C PHE A 89 -30.02 -57.78 -5.77
N ASP A 90 -30.46 -57.09 -6.83
CA ASP A 90 -31.64 -57.55 -7.61
C ASP A 90 -31.42 -58.96 -8.22
N THR A 91 -30.18 -59.27 -8.57
CA THR A 91 -29.79 -60.64 -8.97
C THR A 91 -29.79 -61.58 -7.77
N ILE A 92 -29.02 -61.25 -6.73
CA ILE A 92 -28.88 -62.14 -5.57
C ILE A 92 -30.23 -62.44 -4.90
N TYR A 93 -31.16 -61.48 -4.93
CA TYR A 93 -32.54 -61.70 -4.49
C TYR A 93 -33.20 -62.84 -5.28
N GLN A 94 -33.03 -62.80 -6.60
CA GLN A 94 -33.52 -63.87 -7.47
C GLN A 94 -32.78 -65.20 -7.24
N ILE A 95 -31.47 -65.15 -6.97
CA ILE A 95 -30.71 -66.37 -6.61
C ILE A 95 -31.21 -67.00 -5.31
N LEU A 96 -31.44 -66.18 -4.29
CA LEU A 96 -32.01 -66.65 -3.03
C LEU A 96 -33.44 -67.17 -3.22
N LEU A 97 -34.25 -66.41 -3.98
CA LEU A 97 -35.63 -66.77 -4.27
C LEU A 97 -35.78 -68.19 -4.87
N LYS A 98 -34.89 -68.54 -5.80
CA LYS A 98 -34.89 -69.90 -6.38
C LYS A 98 -34.57 -70.96 -5.33
N LYS A 99 -33.52 -70.72 -4.55
CA LYS A 99 -33.12 -71.61 -3.47
C LYS A 99 -34.19 -71.76 -2.39
N LYS A 100 -35.00 -70.73 -2.18
CA LYS A 100 -36.15 -70.82 -1.28
C LYS A 100 -37.17 -71.82 -1.83
N SER A 101 -37.79 -71.49 -2.96
CA SER A 101 -38.80 -72.35 -3.59
C SER A 101 -38.30 -73.77 -3.91
N GLU A 102 -37.00 -73.92 -4.17
CA GLU A 102 -36.34 -75.24 -4.24
C GLU A 102 -36.56 -76.05 -2.97
N ILE A 103 -36.30 -75.44 -1.82
CA ILE A 103 -36.43 -76.11 -0.51
C ILE A 103 -37.91 -76.21 -0.09
N GLN A 104 -38.70 -75.22 -0.50
CA GLN A 104 -40.16 -75.24 -0.33
C GLN A 104 -40.81 -76.45 -1.03
N THR A 105 -40.25 -76.88 -2.16
CA THR A 105 -40.75 -78.06 -2.88
C THR A 105 -40.53 -79.34 -2.09
N LEU A 106 -39.28 -79.58 -1.69
CA LEU A 106 -38.91 -80.79 -0.93
C LEU A 106 -39.61 -80.89 0.41
N LYS A 107 -39.96 -79.73 0.99
CA LYS A 107 -40.84 -79.67 2.15
C LYS A 107 -42.21 -80.27 1.81
N GLU A 108 -42.84 -79.78 0.75
CA GLU A 108 -44.18 -80.26 0.34
C GLU A 108 -44.19 -81.69 -0.14
N GLU A 109 -43.11 -82.12 -0.79
CA GLU A 109 -42.93 -83.52 -1.20
C GLU A 109 -42.97 -84.44 0.02
N ILE A 110 -42.30 -84.02 1.10
CA ILE A 110 -42.33 -84.73 2.38
C ILE A 110 -43.68 -84.61 3.08
N GLU A 111 -44.26 -83.41 3.09
CA GLU A 111 -45.57 -83.17 3.73
C GLU A 111 -46.71 -83.95 3.06
N GLN A 112 -46.65 -84.11 1.74
CA GLN A 112 -47.62 -84.95 1.02
C GLN A 112 -47.48 -86.42 1.38
N SER A 113 -46.24 -86.91 1.44
CA SER A 113 -45.96 -88.33 1.72
C SER A 113 -46.37 -88.79 3.13
N LEU A 114 -46.34 -87.87 4.09
CA LEU A 114 -46.74 -88.17 5.47
C LEU A 114 -48.23 -88.47 5.63
N THR A 115 -49.07 -87.91 4.75
CA THR A 115 -50.52 -88.02 4.88
C THR A 115 -51.02 -89.46 4.81
N LYS A 116 -50.55 -90.21 3.81
CA LYS A 116 -50.85 -91.63 3.70
C LYS A 116 -49.79 -92.46 4.44
N ARG A 117 -49.93 -92.51 5.76
CA ARG A 117 -49.24 -93.51 6.58
C ARG A 117 -50.14 -94.73 6.87
N ASP A 118 -51.28 -94.82 6.16
CA ASP A 118 -52.10 -96.02 6.11
C ASP A 118 -51.36 -97.09 5.32
N GLU A 119 -50.75 -96.67 4.21
CA GLU A 119 -50.05 -97.56 3.30
C GLU A 119 -48.86 -98.32 3.90
N PHE A 120 -48.57 -99.45 3.26
CA PHE A 120 -47.33 -100.18 3.42
C PHE A 120 -46.27 -99.37 2.67
N GLU A 121 -46.63 -98.93 1.45
CA GLU A 121 -45.76 -98.14 0.57
C GLU A 121 -45.52 -96.67 1.01
N PHE A 122 -46.00 -96.31 2.20
CA PHE A 122 -45.48 -95.14 2.93
C PHE A 122 -43.97 -95.27 3.08
N LEU A 123 -43.50 -96.47 3.41
CA LEU A 123 -42.06 -96.76 3.51
C LEU A 123 -41.37 -96.65 2.15
N GLU A 124 -41.95 -97.32 1.15
CA GLU A 124 -41.38 -97.35 -0.22
C GLU A 124 -41.32 -95.96 -0.86
N LYS A 125 -42.40 -95.20 -0.76
CA LYS A 125 -42.48 -93.86 -1.38
C LYS A 125 -41.59 -92.81 -0.69
N ALA A 126 -41.25 -93.05 0.58
CA ALA A 126 -40.38 -92.16 1.35
C ALA A 126 -38.96 -92.69 1.61
N SER A 127 -38.65 -93.92 1.18
CA SER A 127 -37.29 -94.47 1.30
C SER A 127 -36.28 -93.68 0.48
N LYS A 128 -36.69 -93.27 -0.70
CA LYS A 128 -35.92 -92.34 -1.55
C LYS A 128 -35.78 -90.94 -0.94
N LEU A 129 -36.80 -90.49 -0.20
CA LEU A 129 -36.78 -89.18 0.48
C LEU A 129 -35.82 -89.07 1.67
N ARG A 130 -35.28 -90.19 2.14
CA ARG A 130 -34.31 -90.20 3.25
C ARG A 130 -33.03 -89.46 2.90
N GLY A 131 -32.54 -89.67 1.68
CA GLY A 131 -31.27 -89.13 1.23
C GLY A 131 -31.20 -87.62 1.05
N ILE A 132 -32.35 -86.98 0.78
CA ILE A 132 -32.37 -85.54 0.48
C ILE A 132 -32.00 -84.73 1.73
N SER A 133 -31.09 -83.78 1.56
CA SER A 133 -30.60 -82.95 2.66
C SER A 133 -30.34 -81.52 2.15
N THR A 134 -31.26 -80.63 2.49
CA THR A 134 -31.16 -79.22 2.11
C THR A 134 -30.12 -78.51 2.96
N LYS A 135 -29.63 -77.37 2.47
CA LYS A 135 -28.64 -76.56 3.17
C LYS A 135 -29.03 -75.09 3.11
N PRO A 136 -28.62 -74.29 4.13
CA PRO A 136 -29.10 -72.92 4.25
C PRO A 136 -28.44 -71.95 3.25
N VAL A 137 -29.14 -70.83 2.98
CA VAL A 137 -28.68 -69.79 2.04
C VAL A 137 -27.48 -69.00 2.56
N TYR A 138 -26.77 -68.33 1.64
CA TYR A 138 -25.72 -67.38 2.01
C TYR A 138 -25.61 -66.25 0.98
N ILE A 139 -25.24 -65.05 1.46
CA ILE A 139 -25.09 -63.85 0.61
C ILE A 139 -23.60 -63.50 0.57
N PRO A 140 -23.03 -63.34 -0.65
CA PRO A 140 -21.58 -63.09 -0.77
C PRO A 140 -21.20 -61.66 -0.42
N GLU A 141 -19.90 -61.34 -0.50
CA GLU A 141 -19.41 -59.98 -0.26
C GLU A 141 -19.89 -59.04 -1.37
N VAL A 142 -20.88 -58.20 -1.02
CA VAL A 142 -21.37 -57.13 -1.90
C VAL A 142 -21.15 -55.80 -1.17
N GLU A 143 -19.93 -55.28 -1.29
CA GLU A 143 -19.51 -54.03 -0.66
C GLU A 143 -19.38 -52.93 -1.70
N LEU A 144 -19.86 -51.74 -1.35
CA LEU A 144 -19.84 -50.57 -2.21
C LEU A 144 -18.45 -49.97 -2.27
N ASN A 145 -18.00 -49.57 -3.46
CA ASN A 145 -16.65 -49.06 -3.65
C ASN A 145 -16.48 -47.68 -2.99
N HIS A 146 -15.91 -47.66 -1.79
CA HIS A 146 -15.69 -46.41 -1.04
C HIS A 146 -14.54 -45.58 -1.59
N LYS A 147 -13.43 -46.22 -1.93
CA LYS A 147 -12.25 -45.55 -2.50
C LYS A 147 -12.58 -44.65 -3.69
N LEU A 148 -13.43 -45.15 -4.59
CA LEU A 148 -13.82 -44.40 -5.79
C LEU A 148 -14.68 -43.18 -5.43
N ILE A 149 -15.62 -43.34 -4.49
CA ILE A 149 -16.57 -42.29 -4.14
C ILE A 149 -15.93 -41.23 -3.23
N LYS A 150 -15.01 -41.66 -2.37
CA LYS A 150 -14.20 -40.74 -1.58
C LYS A 150 -13.19 -39.98 -2.46
N GLY A 151 -12.68 -40.64 -3.51
CA GLY A 151 -11.77 -40.02 -4.48
C GLY A 151 -12.38 -38.90 -5.31
N ILE A 152 -13.64 -39.10 -5.75
CA ILE A 152 -14.40 -38.06 -6.45
C ILE A 152 -14.66 -36.86 -5.52
N HIS A 153 -15.12 -37.16 -4.31
CA HIS A 153 -15.35 -36.14 -3.28
C HIS A 153 -14.08 -35.38 -2.94
N GLN A 154 -12.95 -36.09 -2.87
CA GLN A 154 -11.65 -35.46 -2.60
C GLN A 154 -11.19 -34.55 -3.75
N SER A 155 -11.36 -35.00 -5.00
CA SER A 155 -11.08 -34.15 -6.17
C SER A 155 -12.03 -32.94 -6.25
N THR A 156 -13.29 -33.14 -5.90
CA THR A 156 -14.26 -32.04 -5.82
C THR A 156 -13.92 -31.04 -4.68
N ILE A 157 -13.47 -31.56 -3.53
CA ILE A 157 -12.92 -30.70 -2.46
C ILE A 157 -11.66 -29.98 -2.93
N ASP A 158 -10.80 -30.67 -3.69
CA ASP A 158 -9.62 -30.05 -4.29
C ASP A 158 -9.98 -28.93 -5.28
N LEU A 159 -11.00 -29.15 -6.10
CA LEU A 159 -11.45 -28.11 -7.06
C LEU A 159 -11.93 -26.82 -6.37
N LYS A 160 -12.62 -26.95 -5.24
CA LYS A 160 -13.07 -25.79 -4.46
C LYS A 160 -11.90 -24.91 -4.01
N ASN A 161 -10.81 -25.54 -3.56
CA ASN A 161 -9.61 -24.83 -3.10
C ASN A 161 -8.60 -24.49 -4.21
N GLU A 162 -8.74 -25.14 -5.37
CA GLU A 162 -8.08 -24.69 -6.61
C GLU A 162 -8.76 -23.43 -7.16
N LEU A 163 -10.10 -23.41 -7.12
CA LEU A 163 -10.88 -22.24 -7.55
C LEU A 163 -10.61 -21.02 -6.68
N LYS A 164 -10.67 -21.23 -5.36
CA LYS A 164 -10.35 -20.22 -4.34
C LYS A 164 -8.99 -19.57 -4.62
N GLN A 165 -8.01 -20.38 -5.04
CA GLN A 165 -6.68 -19.92 -5.44
C GLN A 165 -6.74 -18.94 -6.61
N CYS A 166 -7.49 -19.30 -7.64
CA CYS A 166 -7.57 -18.50 -8.88
C CYS A 166 -8.52 -17.29 -8.81
N ILE A 167 -9.55 -17.35 -7.97
CA ILE A 167 -10.38 -16.16 -7.68
C ILE A 167 -9.55 -15.08 -6.96
N GLY A 168 -8.62 -15.51 -6.10
CA GLY A 168 -7.63 -14.60 -5.50
C GLY A 168 -6.69 -13.94 -6.52
N ARG A 169 -6.28 -14.71 -7.53
CA ARG A 169 -5.42 -14.19 -8.63
C ARG A 169 -6.11 -13.21 -9.57
N LEU A 170 -7.44 -13.16 -9.54
CA LEU A 170 -8.21 -12.13 -10.25
C LEU A 170 -8.19 -10.82 -9.49
N GLN A 171 -8.47 -10.89 -8.18
CA GLN A 171 -8.64 -9.69 -7.34
C GLN A 171 -7.31 -9.13 -6.79
N GLU A 172 -6.30 -9.97 -6.58
CA GLU A 172 -5.02 -9.49 -5.99
C GLU A 172 -4.11 -8.62 -6.91
N PRO A 173 -4.03 -8.91 -8.24
CA PRO A 173 -3.13 -8.11 -9.08
C PRO A 173 -3.65 -6.70 -9.41
N THR A 174 -4.94 -6.46 -9.24
CA THR A 174 -5.55 -5.14 -9.47
C THR A 174 -5.87 -4.47 -8.12
N PRO A 175 -4.87 -3.73 -7.54
CA PRO A 175 -5.09 -3.11 -6.22
C PRO A 175 -6.17 -2.03 -6.26
N LEU A 251 -27.88 48.14 13.84
CA LEU A 251 -28.29 46.74 13.76
C LEU A 251 -27.19 45.84 13.16
N LYS A 252 -26.35 46.40 12.28
CA LYS A 252 -25.20 45.68 11.70
C LYS A 252 -24.25 45.12 12.76
N ALA A 253 -23.91 45.94 13.75
CA ALA A 253 -23.05 45.51 14.87
C ALA A 253 -23.72 44.46 15.76
N LYS A 254 -25.03 44.57 15.95
CA LYS A 254 -25.80 43.63 16.79
C LYS A 254 -25.89 42.21 16.18
N VAL A 255 -26.02 42.14 14.85
CA VAL A 255 -26.09 40.87 14.13
C VAL A 255 -24.70 40.19 14.07
N LEU A 256 -23.64 40.99 13.94
CA LEU A 256 -22.27 40.49 13.98
C LEU A 256 -22.01 39.64 15.23
N GLU A 257 -22.37 40.21 16.38
CA GLU A 257 -22.15 39.57 17.70
C GLU A 257 -22.91 38.25 17.82
N THR A 258 -24.15 38.24 17.33
CA THR A 258 -24.98 37.02 17.28
C THR A 258 -24.28 35.91 16.51
N PHE A 259 -23.80 36.23 15.31
CA PHE A 259 -23.07 35.26 14.47
C PHE A 259 -21.71 34.87 15.04
N LEU A 260 -21.02 35.81 15.69
CA LEU A 260 -19.74 35.52 16.36
C LEU A 260 -19.86 34.50 17.50
N ALA A 261 -21.01 34.49 18.18
CA ALA A 261 -21.26 33.57 19.29
C ALA A 261 -21.92 32.23 18.91
N LYS A 262 -22.24 32.03 17.63
CA LYS A 262 -22.93 30.80 17.17
C LYS A 262 -22.07 29.54 17.26
N SER A 263 -22.75 28.40 17.34
CA SER A 263 -22.11 27.08 17.38
C SER A 263 -22.02 26.49 15.97
N ARG A 264 -21.29 25.38 15.85
CA ARG A 264 -21.07 24.73 14.53
C ARG A 264 -22.35 24.31 13.79
N PRO A 265 -23.34 23.72 14.50
CA PRO A 265 -24.62 23.37 13.84
C PRO A 265 -25.43 24.56 13.30
N GLU A 266 -25.33 25.70 13.99
CA GLU A 266 -26.02 26.93 13.57
C GLU A 266 -25.35 27.58 12.35
N LEU A 267 -24.03 27.52 12.30
CA LEU A 267 -23.26 28.00 11.14
C LEU A 267 -23.50 27.14 9.90
N LEU A 268 -23.64 25.82 10.10
CA LEU A 268 -23.89 24.88 9.00
C LEU A 268 -25.27 24.98 8.34
N GLU A 269 -26.21 25.71 8.95
CA GLU A 269 -27.50 26.02 8.33
C GLU A 269 -27.39 26.85 7.03
N TYR A 270 -26.32 27.63 6.92
CA TYR A 270 -26.08 28.51 5.75
C TYR A 270 -24.99 27.93 4.82
N TYR A 271 -24.92 26.60 4.72
CA TYR A 271 -23.87 25.92 3.95
C TYR A 271 -24.13 26.02 2.45
N ILE A 272 -23.04 26.12 1.68
CA ILE A 272 -23.09 25.99 0.23
C ILE A 272 -21.86 25.18 -0.21
N LYS A 273 -22.09 24.14 -1.02
CA LYS A 273 -20.99 23.28 -1.49
C LYS A 273 -20.13 24.07 -2.47
N VAL A 274 -18.91 24.39 -2.05
CA VAL A 274 -17.97 25.12 -2.88
C VAL A 274 -17.36 24.18 -3.92
N ILE A 275 -17.26 24.68 -5.14
CA ILE A 275 -16.71 23.94 -6.28
C ILE A 275 -15.53 24.74 -6.81
N LEU A 276 -14.39 24.08 -7.02
CA LEU A 276 -13.23 24.78 -7.58
C LEU A 276 -13.43 25.00 -9.08
N ASP A 277 -12.81 26.06 -9.60
CA ASP A 277 -12.95 26.43 -11.02
C ASP A 277 -11.63 26.15 -11.74
N TYR A 278 -11.65 25.23 -12.70
CA TYR A 278 -10.46 24.89 -13.50
C TYR A 278 -9.93 26.03 -14.37
N ASN A 279 -10.81 26.98 -14.73
CA ASN A 279 -10.39 28.17 -15.48
C ASN A 279 -9.42 29.02 -14.67
N THR A 280 -9.69 29.12 -13.38
CA THR A 280 -8.96 30.03 -12.50
C THR A 280 -7.61 29.48 -12.01
N ALA A 281 -7.48 28.16 -11.88
CA ALA A 281 -6.32 27.54 -11.22
C ALA A 281 -4.99 27.80 -11.93
N HIS A 282 -3.99 28.23 -11.16
CA HIS A 282 -2.62 28.41 -11.68
C HIS A 282 -2.02 27.07 -12.12
N ASN A 283 -1.13 27.14 -13.11
CA ASN A 283 -0.47 25.97 -13.71
C ASN A 283 0.12 24.95 -12.72
N LYS A 284 0.61 25.41 -11.58
CA LYS A 284 1.18 24.53 -10.53
C LYS A 284 0.19 24.15 -9.42
N VAL A 285 -1.10 24.43 -9.62
CA VAL A 285 -2.17 24.04 -8.70
C VAL A 285 -2.97 22.88 -9.30
N ALA A 286 -2.97 21.75 -8.60
CA ALA A 286 -3.65 20.53 -9.02
C ALA A 286 -5.03 20.43 -8.37
N LEU A 287 -6.02 20.05 -9.18
CA LEU A 287 -7.43 20.01 -8.78
C LEU A 287 -7.96 18.59 -8.89
N SER A 288 -8.79 18.17 -7.92
CA SER A 288 -9.30 16.79 -7.91
C SER A 288 -10.58 16.56 -7.11
N GLU A 289 -11.11 15.35 -7.33
CA GLU A 289 -12.23 14.76 -6.59
C GLU A 289 -13.51 15.56 -6.82
N CYS A 290 -13.96 15.50 -8.08
CA CYS A 290 -15.04 16.35 -8.59
C CYS A 290 -14.76 17.84 -8.34
N TYR A 291 -13.50 18.21 -8.55
CA TYR A 291 -12.98 19.57 -8.37
C TYR A 291 -13.30 20.19 -7.00
N THR A 292 -13.04 19.41 -5.95
CA THR A 292 -13.21 19.85 -4.55
C THR A 292 -11.93 19.74 -3.70
N VAL A 293 -10.82 19.36 -4.33
CA VAL A 293 -9.53 19.22 -3.64
C VAL A 293 -8.41 19.88 -4.44
N ALA A 294 -7.85 20.95 -3.90
CA ALA A 294 -6.72 21.66 -4.51
C ALA A 294 -5.41 21.31 -3.79
N SER A 295 -4.32 21.17 -4.55
CA SER A 295 -3.02 20.79 -3.98
C SER A 295 -1.85 21.24 -4.84
N VAL A 296 -0.63 21.12 -4.30
CA VAL A 296 0.57 21.57 -5.01
C VAL A 296 0.97 20.56 -6.09
N ALA A 297 1.16 21.04 -7.31
CA ALA A 297 1.63 20.19 -8.41
C ALA A 297 3.17 20.18 -8.45
N GLU A 298 3.73 19.04 -8.81
CA GLU A 298 5.19 18.88 -8.92
C GLU A 298 5.71 19.40 -10.26
N MET A 299 5.04 18.99 -11.35
CA MET A 299 5.29 19.57 -12.68
C MET A 299 4.21 20.62 -12.98
N PRO A 300 4.49 21.55 -13.92
CA PRO A 300 3.41 22.42 -14.40
C PRO A 300 2.35 21.61 -15.14
N GLN A 301 1.09 21.79 -14.76
CA GLN A 301 -0.03 21.00 -15.28
C GLN A 301 -0.47 21.41 -16.68
N ASN A 302 -0.06 22.60 -17.13
CA ASN A 302 -0.30 23.06 -18.51
C ASN A 302 -1.79 23.01 -18.88
N TYR A 303 -2.57 23.84 -18.19
CA TYR A 303 -3.95 24.10 -18.58
C TYR A 303 -3.92 25.08 -19.75
N ARG A 304 -5.08 25.29 -20.37
CA ARG A 304 -5.19 26.25 -21.47
C ARG A 304 -5.00 27.69 -20.96
N PRO A 305 -4.39 28.57 -21.78
CA PRO A 305 -4.34 29.99 -21.40
C PRO A 305 -5.73 30.62 -21.35
N HIS A 306 -5.96 31.44 -20.34
CA HIS A 306 -7.29 32.00 -20.06
C HIS A 306 -7.15 33.33 -19.28
N PRO A 307 -8.06 34.30 -19.52
CA PRO A 307 -7.94 35.55 -18.77
C PRO A 307 -8.05 35.36 -17.26
N GLN A 308 -8.98 34.50 -16.85
CA GLN A 308 -9.23 34.25 -15.43
C GLN A 308 -8.16 33.40 -14.71
N ARG A 309 -7.20 32.83 -15.45
CA ARG A 309 -6.12 32.04 -14.85
C ARG A 309 -5.02 32.91 -14.25
N PHE A 310 -4.53 32.54 -13.06
CA PHE A 310 -3.41 33.24 -12.39
C PHE A 310 -2.10 32.89 -13.05
N THR A 311 -1.29 33.90 -13.34
CA THR A 311 -0.01 33.72 -14.02
C THR A 311 1.19 33.77 -13.07
N TYR A 312 1.13 34.60 -12.03
CA TYR A 312 2.24 34.77 -11.09
C TYR A 312 2.15 33.82 -9.90
N CYS A 313 1.04 33.89 -9.19
CA CYS A 313 0.88 33.24 -7.88
C CYS A 313 0.07 31.93 -7.95
N SER A 314 0.30 31.07 -6.95
CA SER A 314 -0.23 29.68 -6.92
C SER A 314 -1.66 29.62 -6.38
N GLN A 315 -2.60 30.23 -7.12
CA GLN A 315 -3.95 30.49 -6.62
C GLN A 315 -5.05 29.88 -7.47
N VAL A 316 -6.24 29.81 -6.87
CA VAL A 316 -7.44 29.25 -7.50
C VAL A 316 -8.68 29.78 -6.78
N LEU A 317 -9.77 29.93 -7.54
CA LEU A 317 -11.01 30.53 -7.04
C LEU A 317 -12.18 29.58 -7.12
N GLY A 318 -13.26 29.97 -6.44
CA GLY A 318 -14.52 29.23 -6.46
C GLY A 318 -15.30 29.43 -7.74
N LEU A 319 -16.27 28.54 -7.96
CA LEU A 319 -17.11 28.59 -9.15
C LEU A 319 -18.18 29.67 -9.03
N HIS A 320 -18.83 29.74 -7.87
CA HIS A 320 -19.94 30.67 -7.64
C HIS A 320 -19.53 31.87 -6.78
N CYS A 321 -20.05 33.04 -7.15
CA CYS A 321 -19.86 34.29 -6.42
C CYS A 321 -21.16 34.72 -5.74
N TYR A 322 -21.03 35.49 -4.65
CA TYR A 322 -22.18 35.84 -3.80
C TYR A 322 -22.26 37.35 -3.51
N LYS A 323 -23.40 37.95 -3.84
CA LYS A 323 -23.71 39.35 -3.50
C LYS A 323 -24.96 39.55 -2.62
N LYS A 324 -25.81 38.51 -2.49
CA LYS A 324 -27.02 38.57 -1.67
C LYS A 324 -27.11 37.32 -0.79
N GLY A 325 -27.52 37.52 0.47
CA GLY A 325 -27.75 36.40 1.39
C GLY A 325 -26.57 36.03 2.26
N ILE A 326 -26.77 34.99 3.06
CA ILE A 326 -25.77 34.50 4.02
C ILE A 326 -25.16 33.22 3.48
N HIS A 327 -23.85 33.04 3.67
CA HIS A 327 -23.15 31.85 3.17
C HIS A 327 -22.08 31.34 4.12
N TYR A 328 -21.80 30.04 4.02
CA TYR A 328 -20.81 29.35 4.85
C TYR A 328 -20.18 28.18 4.10
N TRP A 329 -18.89 27.93 4.35
CA TRP A 329 -18.21 26.75 3.84
C TRP A 329 -17.01 26.40 4.70
N GLU A 330 -16.68 25.11 4.75
CA GLU A 330 -15.53 24.61 5.53
C GLU A 330 -14.44 24.09 4.60
N VAL A 331 -13.18 24.28 5.00
CA VAL A 331 -12.01 23.85 4.22
C VAL A 331 -11.00 23.15 5.13
N GLU A 332 -10.58 21.94 4.74
CA GLU A 332 -9.59 21.15 5.49
C GLU A 332 -8.19 21.41 4.92
N LEU A 333 -7.26 21.83 5.77
CA LEU A 333 -5.91 22.21 5.33
C LEU A 333 -4.84 21.27 5.90
N GLN A 334 -4.39 20.36 5.06
CA GLN A 334 -3.33 19.42 5.40
C GLN A 334 -1.97 20.10 5.14
N LYS A 335 -0.99 19.75 5.98
CA LYS A 335 0.36 20.37 5.95
C LYS A 335 0.25 21.90 5.95
N ASN A 336 -0.40 22.40 6.99
CA ASN A 336 -0.63 23.85 7.16
C ASN A 336 0.69 24.60 7.41
N ASN A 337 1.40 24.87 6.31
CA ASN A 337 2.73 25.49 6.34
C ASN A 337 2.78 26.73 5.47
N PHE A 338 2.53 26.56 4.16
CA PHE A 338 2.43 27.67 3.20
C PHE A 338 1.14 27.50 2.39
N CYS A 339 0.04 27.96 2.99
CA CYS A 339 -1.30 27.93 2.37
C CYS A 339 -2.20 29.02 2.96
N GLY A 340 -3.33 29.30 2.29
CA GLY A 340 -4.24 30.36 2.71
C GLY A 340 -5.64 30.27 2.13
N VAL A 341 -6.62 30.74 2.91
CA VAL A 341 -8.04 30.69 2.56
C VAL A 341 -8.65 32.10 2.67
N GLY A 342 -9.60 32.41 1.79
CA GLY A 342 -10.25 33.73 1.83
C GLY A 342 -11.38 33.96 0.84
N ILE A 343 -11.63 35.25 0.57
CA ILE A 343 -12.64 35.71 -0.39
C ILE A 343 -12.03 36.76 -1.33
N CYS A 344 -12.70 37.02 -2.45
CA CYS A 344 -12.15 37.91 -3.48
C CYS A 344 -13.23 38.47 -4.41
N TYR A 345 -13.09 39.73 -4.84
CA TYR A 345 -13.98 40.29 -5.88
C TYR A 345 -13.58 39.78 -7.26
N GLY A 346 -14.58 39.62 -8.13
CA GLY A 346 -14.37 39.22 -9.52
C GLY A 346 -13.51 40.17 -10.33
N SER A 347 -13.53 41.45 -9.95
CA SER A 347 -12.73 42.48 -10.61
C SER A 347 -11.21 42.34 -10.40
N MET A 348 -10.77 41.62 -9.38
CA MET A 348 -9.33 41.52 -9.07
C MET A 348 -8.55 41.02 -10.29
N ASN A 349 -7.43 41.68 -10.57
CA ASN A 349 -6.56 41.29 -11.68
C ASN A 349 -5.83 40.00 -11.29
N ARG A 350 -5.72 39.08 -12.25
CA ARG A 350 -5.19 37.74 -12.02
C ARG A 350 -3.69 37.65 -12.32
N GLN A 351 -3.14 38.66 -12.99
CA GLN A 351 -1.75 38.62 -13.45
C GLN A 351 -0.82 39.50 -12.64
N GLY A 352 0.48 39.18 -12.71
CA GLY A 352 1.52 39.94 -12.01
C GLY A 352 1.56 39.69 -10.51
N PRO A 353 2.53 40.30 -9.80
CA PRO A 353 2.61 40.17 -8.33
C PRO A 353 1.40 40.74 -7.60
N GLU A 354 0.81 41.80 -8.14
CA GLU A 354 -0.40 42.43 -7.57
C GLU A 354 -1.60 41.49 -7.37
N SER A 355 -1.71 40.48 -8.24
CA SER A 355 -2.79 39.50 -8.16
C SER A 355 -2.82 38.67 -6.87
N ARG A 356 -1.64 38.50 -6.26
CA ARG A 356 -1.48 37.81 -4.97
C ARG A 356 -2.56 38.23 -3.94
N LEU A 357 -3.13 37.24 -3.26
CA LEU A 357 -4.25 37.48 -2.33
C LEU A 357 -3.79 38.08 -1.01
N GLY A 358 -4.51 39.12 -0.58
CA GLY A 358 -4.12 39.94 0.55
C GLY A 358 -3.40 41.23 0.18
N ARG A 359 -2.86 41.31 -1.03
CA ARG A 359 -2.03 42.44 -1.47
C ARG A 359 -2.77 43.39 -2.43
N ASN A 360 -4.08 43.56 -2.22
CA ASN A 360 -4.89 44.51 -3.02
C ASN A 360 -6.21 44.84 -2.34
N SER A 361 -6.92 45.81 -2.89
CA SER A 361 -8.20 46.29 -2.33
C SER A 361 -9.39 45.35 -2.55
N ALA A 362 -9.22 44.27 -3.30
CA ALA A 362 -10.33 43.39 -3.70
C ALA A 362 -10.28 41.98 -3.07
N SER A 363 -9.43 41.78 -2.06
CA SER A 363 -9.17 40.46 -1.49
C SER A 363 -8.98 40.50 0.03
N TRP A 364 -9.73 39.67 0.73
CA TRP A 364 -9.59 39.46 2.18
C TRP A 364 -9.31 37.98 2.42
N CYS A 365 -8.28 37.67 3.22
CA CYS A 365 -7.87 36.28 3.46
C CYS A 365 -7.11 36.07 4.77
N VAL A 366 -7.03 34.80 5.18
CA VAL A 366 -6.14 34.36 6.26
C VAL A 366 -5.10 33.44 5.64
N GLU A 367 -3.88 33.49 6.18
CA GLU A 367 -2.72 32.90 5.53
C GLU A 367 -1.69 32.33 6.52
N TRP A 368 -1.10 31.18 6.16
CA TRP A 368 -0.01 30.55 6.90
C TRP A 368 1.30 30.81 6.16
N PHE A 369 2.34 31.21 6.89
CA PHE A 369 3.69 31.35 6.33
C PHE A 369 4.70 30.90 7.38
N ASN A 370 5.27 29.71 7.17
CA ASN A 370 6.11 29.00 8.17
C ASN A 370 5.33 28.70 9.47
N THR A 371 4.10 28.22 9.30
CA THR A 371 3.16 27.93 10.39
C THR A 371 2.86 29.12 11.33
N LYS A 372 2.93 30.35 10.79
CA LYS A 372 2.59 31.57 11.50
C LYS A 372 1.36 32.15 10.82
N ILE A 373 0.26 32.29 11.56
CA ILE A 373 -1.02 32.69 11.00
C ILE A 373 -1.10 34.22 10.90
N SER A 374 -1.58 34.71 9.75
CA SER A 374 -1.72 36.14 9.49
C SER A 374 -2.98 36.43 8.68
N ALA A 375 -3.76 37.44 9.12
CA ALA A 375 -4.91 37.94 8.36
C ALA A 375 -4.48 39.09 7.46
N TRP A 376 -4.85 39.05 6.19
CA TRP A 376 -4.38 40.03 5.20
C TRP A 376 -5.51 40.75 4.45
N HIS A 377 -5.29 42.03 4.17
CA HIS A 377 -6.10 42.79 3.23
C HIS A 377 -5.38 44.07 2.80
N ASN A 378 -5.17 44.21 1.48
CA ASN A 378 -4.58 45.42 0.88
C ASN A 378 -3.18 45.75 1.41
N ASN A 379 -2.34 44.71 1.49
CA ASN A 379 -0.92 44.82 1.91
C ASN A 379 -0.80 45.23 3.38
N VAL A 380 -1.61 44.58 4.22
CA VAL A 380 -1.67 44.85 5.66
C VAL A 380 -1.68 43.53 6.42
N GLU A 381 -0.75 43.35 7.36
CA GLU A 381 -0.60 42.10 8.11
C GLU A 381 -1.06 42.23 9.57
N LYS A 382 -2.00 41.36 9.97
CA LYS A 382 -2.38 41.19 11.37
C LYS A 382 -1.92 39.79 11.80
N THR A 383 -0.75 39.74 12.44
CA THR A 383 -0.14 38.47 12.88
C THR A 383 -0.94 37.84 14.04
N LEU A 384 -1.68 36.77 13.74
CA LEU A 384 -2.63 36.15 14.68
C LEU A 384 -1.97 35.09 15.58
N PRO A 385 -2.69 34.61 16.62
CA PRO A 385 -2.17 33.48 17.42
C PRO A 385 -2.28 32.14 16.66
N SER A 386 -1.21 31.33 16.72
CA SER A 386 -1.21 30.01 16.08
C SER A 386 -2.22 29.07 16.76
N THR A 387 -2.85 28.21 15.95
CA THR A 387 -3.95 27.35 16.41
C THR A 387 -3.70 25.89 16.06
N LYS A 388 -4.43 25.02 16.76
CA LYS A 388 -4.28 23.57 16.64
C LYS A 388 -5.03 23.07 15.41
N ALA A 389 -6.30 23.47 15.33
CA ALA A 389 -7.23 23.02 14.28
C ALA A 389 -6.69 23.16 12.86
N THR A 390 -7.14 22.26 11.98
CA THR A 390 -6.81 22.31 10.56
C THR A 390 -8.06 22.25 9.66
N ARG A 391 -9.22 22.63 10.21
CA ARG A 391 -10.42 22.90 9.40
C ARG A 391 -10.86 24.34 9.62
N VAL A 392 -10.79 25.14 8.55
CA VAL A 392 -11.17 26.55 8.57
C VAL A 392 -12.58 26.70 7.99
N GLY A 393 -13.51 27.15 8.83
CA GLY A 393 -14.86 27.50 8.40
C GLY A 393 -14.94 29.00 8.11
N VAL A 394 -15.46 29.36 6.94
CA VAL A 394 -15.57 30.78 6.54
C VAL A 394 -17.04 31.15 6.38
N LEU A 395 -17.47 32.21 7.07
CA LEU A 395 -18.86 32.71 6.95
C LEU A 395 -18.89 34.10 6.30
N LEU A 396 -19.90 34.32 5.45
CA LEU A 396 -20.08 35.59 4.75
C LEU A 396 -21.53 36.07 4.84
N ASN A 397 -21.71 37.36 5.13
CA ASN A 397 -23.05 37.98 5.26
C ASN A 397 -23.19 39.17 4.30
N CYS A 398 -23.70 38.88 3.11
CA CYS A 398 -23.93 39.93 2.10
C CYS A 398 -25.08 40.88 2.48
N ASP A 399 -26.04 40.39 3.26
CA ASP A 399 -27.19 41.19 3.70
C ASP A 399 -26.78 42.39 4.55
N HIS A 400 -25.89 42.14 5.52
CA HIS A 400 -25.42 43.19 6.43
C HIS A 400 -24.04 43.71 6.06
N GLY A 401 -23.09 42.79 5.88
CA GLY A 401 -21.74 43.16 5.44
C GLY A 401 -20.64 42.80 6.43
N PHE A 402 -20.39 41.50 6.56
CA PHE A 402 -19.25 41.00 7.30
C PHE A 402 -18.83 39.60 6.84
N VAL A 403 -17.53 39.34 6.94
CA VAL A 403 -16.94 38.02 6.69
C VAL A 403 -16.16 37.59 7.94
N ILE A 404 -16.33 36.33 8.33
CA ILE A 404 -15.75 35.78 9.56
C ILE A 404 -15.00 34.49 9.24
N PHE A 405 -13.82 34.35 9.83
CA PHE A 405 -12.99 33.14 9.71
C PHE A 405 -12.97 32.43 11.07
N PHE A 406 -13.26 31.12 11.05
CA PHE A 406 -13.27 30.30 12.27
C PHE A 406 -12.22 29.19 12.19
N ALA A 407 -11.77 28.73 13.35
CA ALA A 407 -10.96 27.52 13.47
C ALA A 407 -11.84 26.41 14.05
N VAL A 408 -11.81 25.23 13.43
CA VAL A 408 -12.66 24.09 13.80
C VAL A 408 -11.83 22.80 13.99
N ALA A 409 -11.85 22.27 15.21
CA ALA A 409 -11.34 20.92 15.52
C ALA A 409 -12.49 20.09 16.11
N ASP A 410 -13.02 20.55 17.23
CA ASP A 410 -14.27 20.02 17.81
C ASP A 410 -15.26 21.17 18.00
N LYS A 411 -14.86 22.16 18.81
CA LYS A 411 -15.62 23.39 19.01
C LYS A 411 -15.37 24.36 17.85
N VAL A 412 -15.95 25.56 17.93
CA VAL A 412 -15.73 26.63 16.95
C VAL A 412 -14.94 27.77 17.60
N HIS A 413 -13.64 27.84 17.33
CA HIS A 413 -12.80 28.96 17.80
C HIS A 413 -12.81 30.07 16.74
N LEU A 414 -12.49 31.29 17.16
CA LEU A 414 -12.49 32.47 16.28
C LEU A 414 -11.06 32.88 15.90
N MET A 415 -10.82 33.07 14.60
CA MET A 415 -9.53 33.51 14.09
C MET A 415 -9.53 35.01 13.84
N TYR A 416 -10.44 35.47 12.97
CA TYR A 416 -10.56 36.89 12.62
C TYR A 416 -11.88 37.21 11.91
N LYS A 417 -12.18 38.50 11.85
CA LYS A 417 -13.38 39.04 11.23
C LYS A 417 -13.04 40.25 10.36
N PHE A 418 -13.93 40.60 9.43
CA PHE A 418 -13.85 41.87 8.70
C PHE A 418 -15.23 42.53 8.59
N ARG A 419 -15.28 43.83 8.92
CA ARG A 419 -16.51 44.62 8.87
C ARG A 419 -16.50 45.48 7.62
N VAL A 420 -17.15 44.99 6.56
CA VAL A 420 -17.10 45.65 5.24
C VAL A 420 -18.48 45.69 4.57
N ASP A 421 -18.90 46.88 4.14
CA ASP A 421 -19.99 47.00 3.16
C ASP A 421 -19.37 46.77 1.78
N PHE A 422 -19.67 45.60 1.19
CA PHE A 422 -19.00 45.15 -0.03
C PHE A 422 -19.56 45.82 -1.28
N THR A 423 -18.67 46.15 -2.22
CA THR A 423 -19.04 46.85 -3.46
C THR A 423 -19.74 45.94 -4.49
N GLU A 424 -19.21 44.73 -4.66
CA GLU A 424 -19.72 43.76 -5.65
C GLU A 424 -19.65 42.32 -5.11
N ALA A 425 -20.08 41.35 -5.91
CA ALA A 425 -20.09 39.94 -5.50
C ALA A 425 -18.69 39.39 -5.17
N LEU A 426 -18.66 38.39 -4.29
CA LEU A 426 -17.42 37.73 -3.85
C LEU A 426 -17.35 36.27 -4.24
N TYR A 427 -16.22 35.86 -4.83
CA TYR A 427 -15.85 34.46 -5.03
C TYR A 427 -14.98 34.01 -3.84
N PRO A 428 -15.19 32.78 -3.34
CA PRO A 428 -14.22 32.16 -2.41
C PRO A 428 -12.85 31.97 -3.06
N ALA A 429 -11.78 32.09 -2.27
CA ALA A 429 -10.41 32.15 -2.80
C ALA A 429 -9.44 31.31 -1.97
N PHE A 430 -8.47 30.72 -2.65
CA PHE A 430 -7.59 29.70 -2.05
C PHE A 430 -6.17 29.79 -2.61
N TRP A 431 -5.18 29.64 -1.73
CA TRP A 431 -3.75 29.66 -2.09
C TRP A 431 -3.02 28.50 -1.42
N VAL A 432 -2.07 27.88 -2.15
CA VAL A 432 -1.22 26.79 -1.63
C VAL A 432 0.16 26.81 -2.31
N PHE A 433 1.22 26.65 -1.50
CA PHE A 433 2.61 26.78 -2.01
C PHE A 433 3.61 25.70 -1.57
N SER A 434 3.53 25.25 -0.32
CA SER A 434 4.47 24.23 0.19
C SER A 434 4.14 22.89 -0.45
N ALA A 435 5.10 22.33 -1.20
CA ALA A 435 4.91 21.09 -1.95
C ALA A 435 4.45 19.95 -1.02
N GLY A 436 3.13 19.81 -0.91
CA GLY A 436 2.51 18.90 0.05
C GLY A 436 1.17 19.39 0.57
N ALA A 437 1.05 20.71 0.74
CA ALA A 437 -0.19 21.33 1.23
C ALA A 437 -1.39 21.06 0.30
N THR A 438 -2.57 21.01 0.92
CA THR A 438 -3.78 20.53 0.27
C THR A 438 -5.03 21.10 0.93
N LEU A 439 -5.86 21.76 0.13
CA LEU A 439 -7.13 22.35 0.60
C LEU A 439 -8.31 21.56 0.03
N SER A 440 -9.19 21.09 0.92
CA SER A 440 -10.30 20.22 0.55
C SER A 440 -11.60 20.79 1.09
N ILE A 441 -12.63 20.84 0.25
CA ILE A 441 -13.95 21.34 0.70
C ILE A 441 -14.61 20.27 1.56
N CYS A 442 -15.11 20.67 2.74
CA CYS A 442 -15.78 19.75 3.66
C CYS A 442 -17.29 19.83 3.43
N SER A 443 -17.94 18.66 3.40
CA SER A 443 -19.38 18.52 3.12
C SER A 443 -19.98 17.58 4.18
N PRO A 444 -20.06 18.06 5.43
CA PRO A 444 -20.45 17.18 6.56
C PRO A 444 -21.85 16.53 6.45
N MET B 3 -34.41 -105.16 8.45
CA MET B 3 -34.37 -106.58 8.94
C MET B 3 -35.36 -106.83 10.10
N ALA B 4 -36.57 -106.27 9.98
CA ALA B 4 -37.50 -106.15 11.12
C ALA B 4 -39.00 -106.12 10.73
N SER B 5 -39.73 -105.04 11.05
CA SER B 5 -41.21 -105.04 11.18
C SER B 5 -41.87 -103.88 10.44
N LEU B 6 -43.18 -103.69 10.61
CA LEU B 6 -43.93 -102.59 9.96
C LEU B 6 -43.97 -101.32 10.81
N SER B 7 -44.75 -101.32 11.89
CA SER B 7 -45.00 -100.12 12.68
C SER B 7 -43.72 -99.44 13.16
N GLN B 8 -42.68 -100.24 13.45
CA GLN B 8 -41.37 -99.71 13.82
C GLN B 8 -40.63 -99.06 12.64
N ALA B 9 -40.79 -99.60 11.44
CA ALA B 9 -40.23 -98.97 10.23
C ALA B 9 -40.99 -97.71 9.83
N SER B 10 -42.32 -97.78 9.91
CA SER B 10 -43.20 -96.62 9.75
C SER B 10 -42.85 -95.50 10.73
N ALA B 11 -42.55 -95.87 11.98
CA ALA B 11 -42.10 -94.91 13.00
C ALA B 11 -40.67 -94.41 12.77
N ASP B 12 -39.75 -95.33 12.42
CA ASP B 12 -38.34 -94.95 12.12
C ASP B 12 -38.21 -94.02 10.90
N LEU B 13 -39.10 -94.19 9.93
CA LEU B 13 -39.27 -93.20 8.86
C LEU B 13 -39.83 -91.90 9.46
N GLU B 14 -41.09 -91.98 9.93
CA GLU B 14 -41.86 -90.82 10.40
C GLU B 14 -41.06 -89.89 11.34
N ALA B 15 -40.32 -90.50 12.26
CA ALA B 15 -39.51 -89.77 13.23
C ALA B 15 -38.39 -88.95 12.60
N THR B 16 -37.54 -89.59 11.79
CA THR B 16 -36.42 -88.89 11.14
C THR B 16 -36.90 -88.01 9.96
N LEU B 17 -38.11 -88.29 9.46
CA LEU B 17 -38.71 -87.53 8.37
C LEU B 17 -39.13 -86.12 8.80
N ARG B 18 -39.89 -86.03 9.90
CA ARG B 18 -40.35 -84.72 10.40
C ARG B 18 -39.20 -83.90 11.03
N HIS B 19 -38.14 -84.59 11.47
CA HIS B 19 -36.91 -83.94 11.92
C HIS B 19 -36.28 -83.06 10.83
N LYS B 20 -36.31 -83.55 9.59
CA LYS B 20 -35.88 -82.75 8.44
C LYS B 20 -36.89 -81.65 8.08
N LEU B 21 -38.18 -81.97 8.14
CA LEU B 21 -39.25 -80.98 7.92
C LEU B 21 -39.14 -79.77 8.88
N THR B 22 -38.92 -80.07 10.17
CA THR B 22 -38.75 -79.03 11.18
C THR B 22 -37.49 -78.18 10.97
N VAL B 23 -36.41 -78.79 10.44
CA VAL B 23 -35.21 -78.04 10.06
C VAL B 23 -35.47 -77.20 8.80
N MET B 24 -36.22 -77.74 7.85
CA MET B 24 -36.58 -77.02 6.63
C MET B 24 -37.43 -75.76 6.88
N TYR B 25 -38.32 -75.80 7.87
CA TYR B 25 -39.01 -74.57 8.33
C TYR B 25 -37.99 -73.46 8.63
N SER B 26 -37.03 -73.78 9.49
CA SER B 26 -35.98 -72.84 9.93
C SER B 26 -35.01 -72.48 8.81
N GLN B 27 -34.80 -73.39 7.86
CA GLN B 27 -34.05 -73.04 6.63
C GLN B 27 -34.82 -72.02 5.80
N ILE B 28 -36.11 -72.27 5.56
CA ILE B 28 -36.95 -71.37 4.74
C ILE B 28 -37.16 -69.99 5.39
N ASN B 29 -37.44 -69.99 6.69
CA ASN B 29 -37.51 -68.74 7.46
C ASN B 29 -36.13 -68.07 7.59
N GLY B 30 -35.06 -68.87 7.57
CA GLY B 30 -33.68 -68.37 7.44
C GLY B 30 -33.37 -67.74 6.09
N ALA B 31 -34.01 -68.22 5.03
CA ALA B 31 -33.95 -67.57 3.70
C ALA B 31 -34.80 -66.30 3.65
N SER B 32 -36.05 -66.41 4.12
CA SER B 32 -36.97 -65.24 4.16
C SER B 32 -36.36 -64.00 4.82
N ARG B 33 -35.60 -64.21 5.90
CA ARG B 33 -34.81 -63.15 6.55
C ARG B 33 -33.73 -62.56 5.62
N ALA B 34 -33.02 -63.44 4.92
CA ALA B 34 -31.98 -63.02 3.96
C ALA B 34 -32.56 -62.26 2.76
N LEU B 35 -33.74 -62.66 2.30
CA LEU B 35 -34.48 -61.90 1.27
C LEU B 35 -34.80 -60.47 1.72
N ASP B 36 -35.18 -60.32 2.98
CA ASP B 36 -35.47 -59.01 3.56
C ASP B 36 -34.18 -58.19 3.76
N ASP B 37 -33.15 -58.83 4.30
CA ASP B 37 -31.82 -58.21 4.50
C ASP B 37 -31.25 -57.57 3.22
N VAL B 38 -31.44 -58.23 2.08
CA VAL B 38 -30.96 -57.73 0.79
C VAL B 38 -31.72 -56.45 0.37
N ARG B 39 -33.05 -56.51 0.41
CA ARG B 39 -33.89 -55.35 0.07
C ARG B 39 -33.68 -54.18 1.05
N ASN B 40 -33.45 -54.50 2.33
CA ASN B 40 -33.03 -53.48 3.30
C ASN B 40 -31.65 -52.90 2.97
N ARG B 41 -30.72 -53.77 2.59
CA ARG B 41 -29.36 -53.34 2.20
C ARG B 41 -29.32 -52.54 0.89
N GLN B 42 -30.27 -52.77 0.00
CA GLN B 42 -30.44 -51.90 -1.20
C GLN B 42 -30.82 -50.46 -0.80
N GLN B 43 -31.80 -50.33 0.09
CA GLN B 43 -32.20 -49.03 0.66
C GLN B 43 -31.04 -48.39 1.44
N ASP B 44 -30.33 -49.22 2.20
CA ASP B 44 -29.10 -48.80 2.89
C ASP B 44 -28.07 -48.13 1.96
N VAL B 45 -27.86 -48.71 0.79
CA VAL B 45 -26.98 -48.12 -0.24
C VAL B 45 -27.63 -46.89 -0.89
N ARG B 46 -28.91 -47.02 -1.26
CA ARG B 46 -29.66 -45.89 -1.88
C ARG B 46 -29.58 -44.57 -1.09
N MET B 47 -29.64 -44.65 0.23
CA MET B 47 -29.45 -43.47 1.08
C MET B 47 -27.98 -43.01 1.09
N THR B 48 -27.04 -43.96 1.16
CA THR B 48 -25.59 -43.64 1.10
C THR B 48 -25.19 -42.97 -0.22
N ALA B 49 -25.91 -43.28 -1.30
CA ALA B 49 -25.75 -42.55 -2.57
C ALA B 49 -26.20 -41.10 -2.44
N ASN B 50 -27.44 -40.90 -2.00
CA ASN B 50 -28.02 -39.56 -1.81
C ASN B 50 -27.21 -38.70 -0.84
N ARG B 51 -26.70 -39.31 0.23
CA ARG B 51 -25.84 -38.60 1.19
C ARG B 51 -24.52 -38.14 0.57
N LYS B 52 -23.93 -38.95 -0.30
CA LYS B 52 -22.70 -38.57 -1.02
C LYS B 52 -22.96 -37.62 -2.19
N VAL B 53 -24.15 -37.69 -2.78
CA VAL B 53 -24.59 -36.74 -3.81
C VAL B 53 -24.85 -35.37 -3.19
N GLU B 54 -25.70 -35.33 -2.16
CA GLU B 54 -25.94 -34.09 -1.39
C GLU B 54 -24.65 -33.49 -0.82
N GLN B 55 -23.69 -34.34 -0.45
CA GLN B 55 -22.33 -33.89 -0.08
C GLN B 55 -21.59 -33.16 -1.21
N LEU B 56 -21.84 -33.56 -2.45
CA LEU B 56 -21.28 -32.85 -3.62
C LEU B 56 -22.10 -31.62 -4.03
N GLN B 57 -23.43 -31.72 -3.92
CA GLN B 57 -24.32 -30.58 -4.18
C GLN B 57 -24.02 -29.36 -3.28
N GLN B 58 -23.56 -29.60 -2.06
CA GLN B 58 -23.03 -28.55 -1.17
C GLN B 58 -21.73 -27.98 -1.76
N GLU B 59 -20.75 -28.86 -1.95
CA GLU B 59 -19.41 -28.50 -2.46
C GLU B 59 -19.44 -27.72 -3.78
N TYR B 60 -20.35 -28.08 -4.69
CA TYR B 60 -20.52 -27.31 -5.93
C TYR B 60 -21.21 -25.94 -5.68
N THR B 61 -22.20 -25.90 -4.79
CA THR B 61 -22.85 -24.63 -4.41
C THR B 61 -21.91 -23.67 -3.69
N GLU B 62 -20.97 -24.20 -2.89
CA GLU B 62 -19.87 -23.41 -2.32
C GLU B 62 -19.05 -22.72 -3.40
N MET B 63 -18.73 -23.47 -4.46
CA MET B 63 -18.00 -22.94 -5.62
C MET B 63 -18.84 -21.93 -6.41
N LYS B 64 -20.13 -22.24 -6.61
CA LYS B 64 -21.07 -21.33 -7.31
C LYS B 64 -21.19 -19.97 -6.61
N ALA B 65 -21.24 -19.99 -5.28
CA ALA B 65 -21.28 -18.74 -4.48
C ALA B 65 -19.97 -17.96 -4.51
N LEU B 66 -18.83 -18.68 -4.59
CA LEU B 66 -17.51 -18.04 -4.73
C LEU B 66 -17.38 -17.18 -6.00
N LEU B 67 -18.01 -17.64 -7.08
CA LEU B 67 -18.08 -16.87 -8.32
C LEU B 67 -19.05 -15.70 -8.25
N ASP B 68 -20.15 -15.87 -7.51
CA ASP B 68 -21.11 -14.77 -7.24
C ASP B 68 -20.49 -13.64 -6.41
N ALA B 69 -19.50 -13.96 -5.58
CA ALA B 69 -18.73 -12.96 -4.85
C ALA B 69 -17.85 -12.16 -5.82
N SER B 70 -16.96 -12.87 -6.52
CA SER B 70 -16.03 -12.23 -7.47
C SER B 70 -16.74 -11.48 -8.59
N GLU B 71 -17.87 -12.03 -9.06
CA GLU B 71 -18.71 -11.40 -10.08
C GLU B 71 -19.19 -10.02 -9.62
N THR B 72 -19.70 -9.92 -8.40
CA THR B 72 -20.12 -8.62 -7.85
C THR B 72 -18.91 -7.74 -7.52
N THR B 73 -17.83 -8.36 -7.01
CA THR B 73 -16.60 -7.63 -6.64
C THR B 73 -15.91 -6.96 -7.82
N SER B 74 -15.86 -7.64 -8.98
CA SER B 74 -15.36 -7.00 -10.20
C SER B 74 -16.33 -5.97 -10.79
N THR B 75 -17.64 -6.24 -10.68
CA THR B 75 -18.69 -5.31 -11.13
C THR B 75 -18.68 -3.99 -10.36
N ARG B 76 -18.54 -4.08 -9.04
CA ARG B 76 -18.40 -2.91 -8.17
C ARG B 76 -17.25 -2.00 -8.64
N LYS B 77 -16.09 -2.63 -8.91
CA LYS B 77 -14.92 -1.93 -9.42
C LYS B 77 -15.17 -1.15 -10.71
N ILE B 78 -15.92 -1.74 -11.63
CA ILE B 78 -16.26 -1.06 -12.90
C ILE B 78 -17.22 0.12 -12.68
N LYS B 79 -18.27 -0.12 -11.89
CA LYS B 79 -19.25 0.94 -11.60
C LYS B 79 -18.64 2.09 -10.78
N GLU B 80 -17.63 1.78 -9.95
CA GLU B 80 -16.84 2.85 -9.27
C GLU B 80 -16.07 3.74 -10.25
N GLU B 81 -15.34 3.13 -11.17
CA GLU B 81 -14.67 3.86 -12.26
C GLU B 81 -15.67 4.57 -13.19
N GLU B 82 -16.87 4.01 -13.37
CA GLU B 82 -17.94 4.71 -14.10
C GLU B 82 -18.37 5.97 -13.35
N LYS B 83 -18.75 5.79 -12.08
CA LYS B 83 -19.22 6.89 -11.25
C LYS B 83 -18.17 7.98 -11.07
N ARG B 84 -16.90 7.57 -10.93
CA ARG B 84 -15.77 8.51 -10.84
C ARG B 84 -15.77 9.49 -12.02
N VAL B 85 -15.82 8.94 -13.23
CA VAL B 85 -15.79 9.75 -14.45
C VAL B 85 -17.10 10.50 -14.66
N ASN B 86 -18.24 9.81 -14.56
CA ASN B 86 -19.54 10.47 -14.76
C ASN B 86 -19.86 11.56 -13.73
N SER B 87 -19.35 11.42 -12.50
CA SER B 87 -19.50 12.48 -11.49
C SER B 87 -18.66 13.72 -11.81
N LYS B 88 -17.50 13.52 -12.45
CA LYS B 88 -16.66 14.64 -12.90
C LYS B 88 -17.31 15.44 -14.03
N PHE B 89 -18.01 14.73 -14.93
CA PHE B 89 -18.82 15.38 -15.95
C PHE B 89 -19.99 16.15 -15.33
N ASP B 90 -20.64 15.58 -14.31
CA ASP B 90 -21.70 16.31 -13.58
C ASP B 90 -21.18 17.61 -12.94
N THR B 91 -19.91 17.61 -12.52
CA THR B 91 -19.24 18.83 -12.07
C THR B 91 -18.96 19.77 -13.25
N ILE B 92 -18.23 19.27 -14.25
CA ILE B 92 -17.80 20.11 -15.38
C ILE B 92 -19.00 20.73 -16.13
N TYR B 93 -20.12 20.01 -16.17
CA TYR B 93 -21.39 20.55 -16.69
C TYR B 93 -21.81 21.80 -15.93
N GLN B 94 -21.74 21.73 -14.59
CA GLN B 94 -22.04 22.88 -13.74
C GLN B 94 -21.01 24.00 -13.91
N ILE B 95 -19.73 23.64 -14.08
CA ILE B 95 -18.68 24.67 -14.37
C ILE B 95 -18.94 25.40 -15.69
N LEU B 96 -19.26 24.64 -16.74
CA LEU B 96 -19.62 25.24 -18.03
C LEU B 96 -20.90 26.05 -17.94
N LEU B 97 -21.91 25.51 -17.26
CA LEU B 97 -23.19 26.17 -17.07
C LEU B 97 -23.07 27.59 -16.47
N LYS B 98 -22.20 27.74 -15.47
CA LYS B 98 -21.94 29.06 -14.88
C LYS B 98 -21.32 30.01 -15.90
N LYS B 99 -20.29 29.55 -16.59
CA LYS B 99 -19.63 30.33 -17.64
C LYS B 99 -20.55 30.70 -18.79
N LYS B 100 -21.54 29.85 -19.07
CA LYS B 100 -22.58 30.19 -20.05
C LYS B 100 -23.38 31.39 -19.58
N SER B 101 -24.15 31.21 -18.50
CA SER B 101 -25.00 32.28 -17.95
C SER B 101 -24.23 33.57 -17.59
N GLU B 102 -22.94 33.42 -17.22
CA GLU B 102 -22.03 34.57 -17.09
C GLU B 102 -21.97 35.41 -18.37
N ILE B 103 -21.76 34.74 -19.50
CA ILE B 103 -21.65 35.40 -20.81
C ILE B 103 -23.02 35.82 -21.35
N GLN B 104 -24.04 35.03 -21.01
CA GLN B 104 -25.44 35.35 -21.29
C GLN B 104 -25.89 36.67 -20.65
N THR B 105 -25.34 36.99 -19.47
CA THR B 105 -25.64 38.25 -18.78
C THR B 105 -25.08 39.45 -19.56
N LEU B 106 -23.79 39.41 -19.87
CA LEU B 106 -23.10 40.49 -20.59
C LEU B 106 -23.68 40.73 -21.99
N LYS B 107 -24.21 39.66 -22.58
CA LYS B 107 -25.00 39.76 -23.81
C LYS B 107 -26.24 40.65 -23.58
N GLU B 108 -27.04 40.32 -22.57
CA GLU B 108 -28.27 41.07 -22.26
C GLU B 108 -28.00 42.49 -21.78
N GLU B 109 -26.90 42.69 -21.05
CA GLU B 109 -26.46 44.02 -20.63
C GLU B 109 -26.21 44.91 -21.85
N ILE B 110 -25.56 44.34 -22.87
CA ILE B 110 -25.34 45.03 -24.14
C ILE B 110 -26.63 45.19 -24.95
N GLU B 111 -27.46 44.14 -25.00
CA GLU B 111 -28.74 44.18 -25.74
C GLU B 111 -29.72 45.20 -25.16
N GLN B 112 -29.73 45.36 -23.83
CA GLN B 112 -30.55 46.39 -23.18
C GLN B 112 -30.07 47.80 -23.51
N SER B 113 -28.76 48.01 -23.47
CA SER B 113 -28.16 49.34 -23.72
C SER B 113 -28.36 49.85 -25.16
N LEU B 114 -28.46 48.94 -26.12
CA LEU B 114 -28.68 49.32 -27.52
C LEU B 114 -30.06 49.92 -27.79
N THR B 115 -31.06 49.55 -26.98
CA THR B 115 -32.44 49.97 -27.21
C THR B 115 -32.62 51.48 -27.16
N LYS B 116 -32.08 52.11 -26.12
CA LYS B 116 -32.07 53.56 -26.00
C LYS B 116 -30.83 54.15 -26.65
N ARG B 117 -30.87 54.23 -27.98
CA ARG B 117 -29.93 55.07 -28.75
C ARG B 117 -30.55 56.43 -29.07
N ASP B 118 -31.68 56.76 -28.44
CA ASP B 118 -32.24 58.12 -28.43
C ASP B 118 -31.34 59.01 -27.58
N GLU B 119 -30.90 58.48 -26.44
CA GLU B 119 -30.09 59.21 -25.48
C GLU B 119 -28.74 59.70 -25.99
N PHE B 120 -28.27 60.75 -25.32
CA PHE B 120 -26.88 61.18 -25.37
C PHE B 120 -26.07 60.17 -24.56
N GLU B 121 -26.61 59.83 -23.39
CA GLU B 121 -25.99 58.87 -22.46
C GLU B 121 -26.04 57.38 -22.89
N PHE B 122 -26.50 57.12 -24.13
CA PHE B 122 -26.18 55.87 -24.82
C PHE B 122 -24.66 55.68 -24.87
N LEU B 123 -23.92 56.76 -25.14
CA LEU B 123 -22.46 56.73 -25.14
C LEU B 123 -21.91 56.49 -23.73
N GLU B 124 -22.41 57.25 -22.75
CA GLU B 124 -21.96 57.16 -21.35
C GLU B 124 -22.24 55.79 -20.73
N LYS B 125 -23.45 55.28 -20.93
CA LYS B 125 -23.84 53.98 -20.35
C LYS B 125 -23.14 52.77 -21.00
N ALA B 126 -22.63 52.94 -22.21
CA ALA B 126 -21.90 51.88 -22.93
C ALA B 126 -20.38 52.12 -23.04
N SER B 127 -19.88 53.26 -22.58
CA SER B 127 -18.42 53.53 -22.56
C SER B 127 -17.69 52.57 -21.64
N LYS B 128 -18.29 52.28 -20.49
CA LYS B 128 -17.81 51.23 -19.59
C LYS B 128 -17.89 49.81 -20.17
N LEU B 129 -18.90 49.57 -21.02
CA LEU B 129 -19.07 48.27 -21.70
C LEU B 129 -18.03 47.94 -22.78
N ARG B 130 -17.22 48.93 -23.17
CA ARG B 130 -16.14 48.71 -24.14
C ARG B 130 -15.09 47.70 -23.66
N GLY B 131 -14.72 47.81 -22.38
CA GLY B 131 -13.67 46.99 -21.80
C GLY B 131 -13.96 45.51 -21.65
N ILE B 132 -15.24 45.13 -21.54
CA ILE B 132 -15.61 43.73 -21.30
C ILE B 132 -15.26 42.87 -22.52
N SER B 133 -14.60 41.74 -22.27
CA SER B 133 -14.17 40.82 -23.32
C SER B 133 -14.29 39.38 -22.83
N THR B 134 -15.36 38.70 -23.27
CA THR B 134 -15.60 37.31 -22.92
C THR B 134 -14.65 36.40 -23.71
N LYS B 135 -14.48 35.18 -23.22
CA LYS B 135 -13.62 34.17 -23.86
C LYS B 135 -14.35 32.83 -23.89
N PRO B 136 -14.02 31.96 -24.87
CA PRO B 136 -14.79 30.74 -25.09
C PRO B 136 -14.50 29.64 -24.07
N VAL B 137 -15.47 28.73 -23.90
CA VAL B 137 -15.38 27.63 -22.91
C VAL B 137 -14.37 26.56 -23.30
N TYR B 138 -13.95 25.75 -22.32
CA TYR B 138 -13.12 24.57 -22.62
C TYR B 138 -13.39 23.44 -21.63
N ILE B 139 -13.28 22.20 -22.12
CA ILE B 139 -13.46 20.98 -21.32
C ILE B 139 -12.10 20.28 -21.23
N PRO B 140 -11.64 19.94 -20.01
CA PRO B 140 -10.30 19.32 -19.87
C PRO B 140 -10.29 17.85 -20.28
N GLU B 141 -9.11 17.21 -20.19
CA GLU B 141 -9.00 15.77 -20.49
C GLU B 141 -9.72 14.93 -19.44
N VAL B 142 -10.88 14.40 -19.82
CA VAL B 142 -11.65 13.46 -18.98
C VAL B 142 -11.76 12.14 -19.75
N GLU B 143 -10.72 11.32 -19.63
CA GLU B 143 -10.65 10.02 -20.32
C GLU B 143 -10.87 8.88 -19.33
N LEU B 144 -11.68 7.91 -19.74
CA LEU B 144 -12.04 6.75 -18.91
C LEU B 144 -10.88 5.76 -18.91
N ASN B 145 -10.59 5.18 -17.75
CA ASN B 145 -9.45 4.28 -17.61
C ASN B 145 -9.72 2.95 -18.33
N HIS B 146 -9.20 2.81 -19.54
CA HIS B 146 -9.38 1.59 -20.35
C HIS B 146 -8.52 0.43 -19.86
N LYS B 147 -7.24 0.72 -19.54
CA LYS B 147 -6.31 -0.29 -19.03
C LYS B 147 -6.85 -1.10 -17.86
N LEU B 148 -7.49 -0.41 -16.91
CA LEU B 148 -8.04 -1.07 -15.73
C LEU B 148 -9.22 -1.98 -16.08
N ILE B 149 -10.10 -1.51 -16.96
CA ILE B 149 -11.33 -2.24 -17.31
C ILE B 149 -11.05 -3.40 -18.28
N LYS B 150 -10.08 -3.21 -19.16
CA LYS B 150 -9.59 -4.30 -20.02
C LYS B 150 -8.82 -5.36 -19.20
N GLY B 151 -8.10 -4.90 -18.17
CA GLY B 151 -7.37 -5.79 -17.26
C GLY B 151 -8.24 -6.72 -16.43
N ILE B 152 -9.36 -6.20 -15.93
CA ILE B 152 -10.36 -7.01 -15.21
C ILE B 152 -10.98 -8.05 -16.15
N HIS B 153 -11.39 -7.59 -17.32
CA HIS B 153 -11.95 -8.45 -18.37
C HIS B 153 -10.96 -9.54 -18.78
N GLN B 154 -9.68 -9.17 -18.89
CA GLN B 154 -8.63 -10.13 -19.25
C GLN B 154 -8.38 -11.16 -18.14
N SER B 155 -8.36 -10.72 -16.89
CA SER B 155 -8.28 -11.66 -15.75
C SER B 155 -9.51 -12.56 -15.63
N THR B 156 -10.69 -12.01 -15.91
CA THR B 156 -11.93 -12.80 -15.97
C THR B 156 -11.94 -13.82 -17.13
N ILE B 157 -11.40 -13.41 -18.30
CA ILE B 157 -11.17 -14.35 -19.40
C ILE B 157 -10.14 -15.42 -19.00
N ASP B 158 -9.09 -15.01 -18.29
CA ASP B 158 -8.09 -15.94 -17.76
C ASP B 158 -8.70 -16.94 -16.78
N LEU B 159 -9.57 -16.48 -15.89
CA LEU B 159 -10.23 -17.38 -14.92
C LEU B 159 -11.07 -18.47 -15.57
N LYS B 160 -11.76 -18.13 -16.66
CA LYS B 160 -12.55 -19.12 -17.42
C LYS B 160 -11.69 -20.27 -17.96
N ASN B 161 -10.50 -19.93 -18.47
CA ASN B 161 -9.56 -20.95 -19.01
C ASN B 161 -8.62 -21.55 -17.95
N GLU B 162 -8.52 -20.93 -16.78
CA GLU B 162 -7.92 -21.55 -15.59
C GLU B 162 -8.88 -22.59 -14.99
N LEU B 163 -10.19 -22.26 -14.96
CA LEU B 163 -11.22 -23.19 -14.48
C LEU B 163 -11.34 -24.41 -15.37
N LYS B 164 -11.40 -24.17 -16.68
CA LYS B 164 -11.41 -25.22 -17.72
C LYS B 164 -10.25 -26.22 -17.52
N GLN B 165 -9.08 -25.69 -17.15
CA GLN B 165 -7.88 -26.49 -16.82
C GLN B 165 -8.15 -27.44 -15.65
N CYS B 166 -8.72 -26.90 -14.57
CA CYS B 166 -8.94 -27.68 -13.34
C CYS B 166 -10.17 -28.59 -13.36
N ILE B 167 -11.20 -28.25 -14.14
CA ILE B 167 -12.32 -29.18 -14.38
C ILE B 167 -11.84 -30.43 -15.14
N GLY B 168 -10.88 -30.26 -16.04
CA GLY B 168 -10.20 -31.38 -16.69
C GLY B 168 -9.42 -32.27 -15.74
N ARG B 169 -8.76 -31.66 -14.74
CA ARG B 169 -8.01 -32.39 -13.71
C ARG B 169 -8.88 -33.17 -12.72
N LEU B 170 -10.18 -32.88 -12.68
CA LEU B 170 -11.15 -33.67 -11.91
C LEU B 170 -11.52 -34.92 -12.68
N GLN B 171 -11.86 -34.77 -13.96
CA GLN B 171 -12.39 -35.86 -14.79
C GLN B 171 -11.31 -36.74 -15.43
N GLU B 172 -10.11 -36.21 -15.71
CA GLU B 172 -9.05 -37.02 -16.38
C GLU B 172 -8.37 -38.11 -15.53
N PRO B 173 -8.13 -37.88 -14.20
CA PRO B 173 -7.52 -38.97 -13.40
C PRO B 173 -8.50 -40.10 -13.07
N THR B 249 -39.96 -91.87 -32.28
CA THR B 249 -38.82 -91.44 -33.08
C THR B 249 -39.27 -90.68 -34.36
N SER B 250 -40.38 -91.10 -34.96
CA SER B 250 -40.85 -90.52 -36.23
C SER B 250 -41.16 -89.02 -36.14
N LEU B 251 -41.75 -88.58 -35.03
CA LEU B 251 -41.93 -87.16 -34.74
C LEU B 251 -40.62 -86.54 -34.25
N LYS B 252 -39.94 -87.24 -33.35
CA LYS B 252 -38.74 -86.71 -32.67
C LYS B 252 -37.63 -86.34 -33.66
N ALA B 253 -37.37 -87.24 -34.61
CA ALA B 253 -36.37 -87.00 -35.67
C ALA B 253 -36.79 -85.87 -36.62
N LYS B 254 -38.08 -85.74 -36.90
CA LYS B 254 -38.59 -84.70 -37.81
C LYS B 254 -38.47 -83.28 -37.23
N VAL B 255 -38.69 -83.15 -35.92
CA VAL B 255 -38.56 -81.86 -35.22
C VAL B 255 -37.08 -81.45 -35.07
N LEU B 256 -36.20 -82.43 -34.85
CA LEU B 256 -34.75 -82.18 -34.79
C LEU B 256 -34.26 -81.43 -36.03
N GLU B 257 -34.63 -81.96 -37.20
CA GLU B 257 -34.20 -81.41 -38.51
C GLU B 257 -34.69 -79.98 -38.70
N THR B 258 -35.94 -79.73 -38.32
CA THR B 258 -36.53 -78.38 -38.34
C THR B 258 -35.69 -77.39 -37.55
N PHE B 259 -35.36 -77.75 -36.31
CA PHE B 259 -34.54 -76.91 -35.44
C PHE B 259 -33.08 -76.80 -35.91
N LEU B 260 -32.54 -77.87 -36.47
CA LEU B 260 -31.18 -77.85 -37.04
C LEU B 260 -31.03 -76.86 -38.21
N ALA B 261 -32.10 -76.65 -38.98
CA ALA B 261 -32.08 -75.73 -40.12
C ALA B 261 -32.51 -74.28 -39.82
N LYS B 262 -32.87 -73.99 -38.57
CA LYS B 262 -33.36 -72.64 -38.20
C LYS B 262 -32.26 -71.57 -38.24
N SER B 263 -32.70 -70.33 -38.40
CA SER B 263 -31.82 -69.15 -38.41
C SER B 263 -31.73 -68.55 -37.01
N ARG B 264 -30.83 -67.58 -36.83
CA ARG B 264 -30.58 -66.96 -35.53
C ARG B 264 -31.81 -66.28 -34.89
N PRO B 265 -32.61 -65.53 -35.69
CA PRO B 265 -33.84 -64.91 -35.13
C PRO B 265 -34.90 -65.92 -34.66
N GLU B 266 -34.98 -67.08 -35.31
CA GLU B 266 -35.91 -68.14 -34.93
C GLU B 266 -35.49 -68.87 -33.65
N LEU B 267 -34.18 -69.07 -33.49
CA LEU B 267 -33.61 -69.63 -32.26
C LEU B 267 -33.78 -68.71 -31.06
N LEU B 268 -33.64 -67.39 -31.29
CA LEU B 268 -33.78 -66.39 -30.24
C LEU B 268 -35.21 -66.21 -29.68
N GLU B 269 -36.22 -66.77 -30.35
CA GLU B 269 -37.59 -66.80 -29.82
C GLU B 269 -37.74 -67.60 -28.51
N TYR B 270 -36.84 -68.57 -28.31
CA TYR B 270 -36.86 -69.44 -27.11
C TYR B 270 -35.75 -69.05 -26.11
N TYR B 271 -35.44 -67.76 -26.03
CA TYR B 271 -34.33 -67.28 -25.19
C TYR B 271 -34.71 -67.27 -23.71
N ILE B 272 -33.74 -67.55 -22.86
CA ILE B 272 -33.86 -67.37 -21.42
C ILE B 272 -32.54 -66.81 -20.88
N LYS B 273 -32.62 -65.72 -20.10
CA LYS B 273 -31.41 -65.08 -19.57
C LYS B 273 -30.80 -65.98 -18.51
N VAL B 274 -29.63 -66.53 -18.82
CA VAL B 274 -28.92 -67.40 -17.90
C VAL B 274 -28.23 -66.56 -16.83
N ILE B 275 -28.31 -67.03 -15.59
CA ILE B 275 -27.72 -66.37 -14.44
C ILE B 275 -26.76 -67.36 -13.78
N LEU B 276 -25.53 -66.93 -13.50
CA LEU B 276 -24.58 -67.79 -12.82
C LEU B 276 -24.92 -67.92 -11.34
N ASP B 277 -24.56 -69.06 -10.75
CA ASP B 277 -24.85 -69.36 -9.34
C ASP B 277 -23.56 -69.32 -8.54
N TYR B 278 -23.48 -68.38 -7.58
CA TYR B 278 -22.30 -68.24 -6.70
C TYR B 278 -22.06 -69.45 -5.77
N ASN B 279 -23.12 -70.20 -5.47
CA ASN B 279 -22.99 -71.43 -4.67
C ASN B 279 -22.14 -72.46 -5.39
N THR B 280 -22.33 -72.55 -6.70
CA THR B 280 -21.72 -73.60 -7.50
C THR B 280 -20.26 -73.32 -7.90
N ALA B 281 -19.89 -72.06 -8.04
CA ALA B 281 -18.58 -71.68 -8.62
C ALA B 281 -17.37 -72.15 -7.81
N HIS B 282 -16.42 -72.79 -8.48
CA HIS B 282 -15.15 -73.20 -7.86
C HIS B 282 -14.34 -71.98 -7.39
N ASN B 283 -13.56 -72.17 -6.33
CA ASN B 283 -12.74 -71.12 -5.70
C ASN B 283 -11.91 -70.26 -6.66
N LYS B 284 -11.43 -70.84 -7.75
CA LYS B 284 -10.63 -70.11 -8.75
C LYS B 284 -11.44 -69.59 -9.96
N VAL B 285 -12.78 -69.63 -9.85
CA VAL B 285 -13.68 -69.07 -10.87
C VAL B 285 -14.31 -67.78 -10.35
N ALA B 286 -14.04 -66.67 -11.07
CA ALA B 286 -14.52 -65.35 -10.71
C ALA B 286 -15.80 -65.01 -11.48
N LEU B 287 -16.76 -64.44 -10.76
CA LEU B 287 -18.10 -64.14 -11.27
C LEU B 287 -18.36 -62.64 -11.24
N SER B 288 -19.02 -62.12 -12.28
CA SER B 288 -19.29 -60.67 -12.35
C SER B 288 -20.44 -60.24 -13.26
N GLU B 289 -20.75 -58.94 -13.12
CA GLU B 289 -21.68 -58.19 -13.96
C GLU B 289 -23.10 -58.73 -13.83
N CYS B 290 -23.64 -58.54 -12.63
CA CYS B 290 -24.92 -59.16 -12.21
C CYS B 290 -24.88 -60.68 -12.38
N TYR B 291 -23.72 -61.26 -12.05
CA TYR B 291 -23.46 -62.70 -12.16
C TYR B 291 -23.76 -63.31 -13.53
N THR B 292 -23.28 -62.62 -14.57
CA THR B 292 -23.42 -63.08 -15.97
C THR B 292 -22.07 -63.23 -16.71
N VAL B 293 -20.96 -63.04 -15.99
CA VAL B 293 -19.62 -63.15 -16.59
C VAL B 293 -18.70 -63.98 -15.69
N ALA B 294 -18.31 -65.15 -16.16
CA ALA B 294 -17.38 -66.04 -15.45
C ALA B 294 -15.98 -65.95 -16.06
N SER B 295 -14.95 -65.98 -15.21
CA SER B 295 -13.56 -65.87 -15.70
C SER B 295 -12.55 -66.51 -14.74
N VAL B 296 -11.30 -66.64 -15.18
CA VAL B 296 -10.27 -67.28 -14.37
C VAL B 296 -9.76 -66.33 -13.30
N ALA B 297 -9.76 -66.79 -12.04
CA ALA B 297 -9.20 -66.02 -10.93
C ALA B 297 -7.71 -66.30 -10.77
N GLU B 298 -6.95 -65.28 -10.38
CA GLU B 298 -5.51 -65.41 -10.16
C GLU B 298 -5.21 -65.96 -8.76
N MET B 299 -5.88 -65.40 -7.75
CA MET B 299 -5.85 -65.94 -6.38
C MET B 299 -7.13 -66.75 -6.15
N PRO B 300 -7.12 -67.66 -5.14
CA PRO B 300 -8.37 -68.29 -4.72
C PRO B 300 -9.33 -67.27 -4.12
N GLN B 301 -10.56 -67.25 -4.62
CA GLN B 301 -11.55 -66.24 -4.23
C GLN B 301 -12.17 -66.48 -2.85
N ASN B 302 -12.01 -67.69 -2.31
CA ASN B 302 -12.43 -68.02 -0.95
C ASN B 302 -13.91 -67.71 -0.71
N TYR B 303 -14.76 -68.45 -1.43
CA TYR B 303 -16.19 -68.47 -1.16
C TYR B 303 -16.40 -69.40 0.03
N ARG B 304 -17.62 -69.41 0.58
CA ARG B 304 -17.95 -70.35 1.67
C ARG B 304 -17.95 -71.80 1.18
N PRO B 305 -17.54 -72.76 2.04
CA PRO B 305 -17.73 -74.17 1.68
C PRO B 305 -19.20 -74.54 1.58
N HIS B 306 -19.54 -75.33 0.55
CA HIS B 306 -20.93 -75.64 0.21
C HIS B 306 -20.99 -76.98 -0.54
N PRO B 307 -22.08 -77.77 -0.34
CA PRO B 307 -22.13 -79.05 -1.08
C PRO B 307 -22.13 -78.88 -2.59
N GLN B 308 -22.85 -77.87 -3.07
CA GLN B 308 -22.98 -77.61 -4.51
C GLN B 308 -21.72 -76.98 -5.16
N ARG B 309 -20.72 -76.59 -4.37
CA ARG B 309 -19.47 -76.03 -4.91
C ARG B 309 -18.52 -77.11 -5.42
N PHE B 310 -17.89 -76.86 -6.58
CA PHE B 310 -16.89 -77.77 -7.15
C PHE B 310 -15.58 -77.66 -6.40
N THR B 311 -15.00 -78.80 -6.04
CA THR B 311 -13.75 -78.84 -5.25
C THR B 311 -12.51 -79.13 -6.10
N TYR B 312 -12.66 -79.97 -7.14
CA TYR B 312 -11.54 -80.38 -7.97
C TYR B 312 -11.36 -79.48 -9.19
N CYS B 313 -12.42 -79.34 -9.98
CA CYS B 313 -12.36 -78.70 -11.29
C CYS B 313 -12.90 -77.26 -11.31
N SER B 314 -12.44 -76.48 -12.28
CA SER B 314 -12.70 -75.03 -12.38
C SER B 314 -14.06 -74.73 -13.04
N GLN B 315 -15.13 -75.12 -12.36
CA GLN B 315 -16.47 -75.15 -12.96
C GLN B 315 -17.50 -74.32 -12.22
N VAL B 316 -18.60 -74.04 -12.91
CA VAL B 316 -19.73 -73.26 -12.39
C VAL B 316 -20.99 -73.57 -13.20
N LEU B 317 -22.14 -73.50 -12.52
CA LEU B 317 -23.42 -73.87 -13.11
C LEU B 317 -24.41 -72.72 -13.13
N GLY B 318 -25.48 -72.91 -13.89
CA GLY B 318 -26.58 -71.96 -13.97
C GLY B 318 -27.48 -71.95 -12.75
N LEU B 319 -28.27 -70.90 -12.62
CA LEU B 319 -29.20 -70.76 -11.51
C LEU B 319 -30.45 -71.61 -11.72
N HIS B 320 -31.00 -71.58 -12.93
CA HIS B 320 -32.23 -72.28 -13.25
C HIS B 320 -31.99 -73.56 -14.05
N CYS B 321 -32.76 -74.60 -13.70
CA CYS B 321 -32.76 -75.90 -14.39
C CYS B 321 -34.05 -76.09 -15.16
N TYR B 322 -33.99 -76.90 -16.22
CA TYR B 322 -35.12 -77.07 -17.15
C TYR B 322 -35.46 -78.54 -17.41
N LYS B 323 -36.73 -78.91 -17.15
CA LYS B 323 -37.27 -80.23 -17.51
C LYS B 323 -38.47 -80.20 -18.47
N LYS B 324 -39.09 -79.04 -18.68
CA LYS B 324 -40.23 -78.89 -19.59
C LYS B 324 -40.02 -77.69 -20.51
N GLY B 325 -40.35 -77.84 -21.80
CA GLY B 325 -40.32 -76.75 -22.76
C GLY B 325 -39.02 -76.64 -23.54
N ILE B 326 -38.95 -75.60 -24.37
CA ILE B 326 -37.81 -75.33 -25.26
C ILE B 326 -37.01 -74.16 -24.69
N HIS B 327 -35.68 -74.25 -24.77
CA HIS B 327 -34.80 -73.18 -24.25
C HIS B 327 -33.59 -72.92 -25.12
N TYR B 328 -33.08 -71.69 -25.02
CA TYR B 328 -31.92 -71.24 -25.78
C TYR B 328 -31.14 -70.17 -25.00
N TRP B 329 -29.82 -70.19 -25.15
CA TRP B 329 -28.96 -69.13 -24.61
C TRP B 329 -27.65 -69.05 -25.38
N GLU B 330 -27.07 -67.84 -25.43
CA GLU B 330 -25.80 -67.59 -26.12
C GLU B 330 -24.70 -67.26 -25.11
N VAL B 331 -23.48 -67.70 -25.41
CA VAL B 331 -22.30 -67.49 -24.54
C VAL B 331 -21.12 -67.00 -25.39
N GLU B 332 -20.50 -65.89 -24.97
CA GLU B 332 -19.33 -65.32 -25.65
C GLU B 332 -18.06 -65.82 -24.97
N LEU B 333 -17.16 -66.44 -25.74
CA LEU B 333 -15.94 -67.06 -25.18
C LEU B 333 -14.69 -66.36 -25.68
N GLN B 334 -14.13 -65.51 -24.82
CA GLN B 334 -12.89 -64.80 -25.10
C GLN B 334 -11.70 -65.68 -24.71
N LYS B 335 -10.61 -65.55 -25.46
CA LYS B 335 -9.42 -66.41 -25.32
C LYS B 335 -9.79 -67.90 -25.31
N ASN B 336 -10.46 -68.30 -26.39
CA ASN B 336 -10.94 -69.68 -26.55
C ASN B 336 -9.77 -70.68 -26.68
N ASN B 337 -9.20 -71.03 -25.53
CA ASN B 337 -8.02 -71.88 -25.45
C ASN B 337 -8.26 -73.09 -24.54
N PHE B 338 -8.57 -72.83 -23.26
CA PHE B 338 -8.95 -73.87 -22.30
C PHE B 338 -10.25 -73.44 -21.60
N CYS B 339 -11.37 -73.70 -22.27
CA CYS B 339 -12.72 -73.41 -21.75
C CYS B 339 -13.77 -74.31 -22.40
N GLY B 340 -14.97 -74.36 -21.83
CA GLY B 340 -16.03 -75.23 -22.31
C GLY B 340 -17.43 -74.88 -21.83
N VAL B 341 -18.42 -75.16 -22.69
CA VAL B 341 -19.84 -74.86 -22.44
C VAL B 341 -20.68 -76.12 -22.58
N GLY B 342 -21.74 -76.24 -21.78
CA GLY B 342 -22.62 -77.41 -21.85
C GLY B 342 -23.84 -77.39 -20.95
N ILE B 343 -24.35 -78.60 -20.67
CA ILE B 343 -25.50 -78.84 -19.79
C ILE B 343 -25.17 -79.95 -18.79
N CYS B 344 -25.96 -80.03 -17.72
CA CYS B 344 -25.67 -80.99 -16.64
C CYS B 344 -26.89 -81.30 -15.78
N TYR B 345 -27.02 -82.56 -15.33
CA TYR B 345 -28.08 -82.90 -14.35
C TYR B 345 -27.69 -82.43 -12.96
N GLY B 346 -28.71 -82.06 -12.17
CA GLY B 346 -28.52 -81.66 -10.77
C GLY B 346 -27.92 -82.74 -9.88
N SER B 347 -28.16 -84.00 -10.24
CA SER B 347 -27.62 -85.13 -9.50
C SER B 347 -26.09 -85.29 -9.59
N MET B 348 -25.45 -84.69 -10.60
CA MET B 348 -24.00 -84.89 -10.79
C MET B 348 -23.23 -84.51 -9.53
N ASN B 349 -22.28 -85.35 -9.14
CA ASN B 349 -21.44 -85.10 -7.98
C ASN B 349 -20.45 -84.00 -8.31
N ARG B 350 -20.25 -83.08 -7.36
CA ARG B 350 -19.46 -81.87 -7.57
C ARG B 350 -18.00 -82.05 -7.16
N GLN B 351 -17.69 -83.13 -6.44
CA GLN B 351 -16.37 -83.33 -5.85
C GLN B 351 -15.56 -84.40 -6.58
N GLY B 352 -14.25 -84.33 -6.41
CA GLY B 352 -13.30 -85.29 -7.00
C GLY B 352 -13.11 -85.10 -8.50
N PRO B 353 -12.22 -85.91 -9.11
CA PRO B 353 -12.01 -85.85 -10.57
C PRO B 353 -13.25 -86.20 -11.41
N GLU B 354 -14.07 -87.11 -10.90
CA GLU B 354 -15.32 -87.52 -11.56
C GLU B 354 -16.29 -86.37 -11.86
N SER B 355 -16.28 -85.33 -11.02
CA SER B 355 -17.15 -84.17 -11.20
C SER B 355 -16.92 -83.38 -12.50
N ARG B 356 -15.69 -83.46 -13.02
CA ARG B 356 -15.31 -82.86 -14.31
C ARG B 356 -16.35 -83.09 -15.41
N LEU B 357 -16.67 -82.03 -16.16
CA LEU B 357 -17.75 -82.08 -17.16
C LEU B 357 -17.31 -82.81 -18.43
N GLY B 358 -18.18 -83.71 -18.90
CA GLY B 358 -17.86 -84.62 -20.00
C GLY B 358 -17.43 -86.00 -19.55
N ARG B 359 -17.00 -86.14 -18.29
CA ARG B 359 -16.44 -87.40 -17.77
C ARG B 359 -17.42 -88.16 -16.85
N ASN B 360 -18.72 -88.09 -17.16
CA ASN B 360 -19.75 -88.84 -16.42
C ASN B 360 -21.06 -88.94 -17.20
N SER B 361 -21.98 -89.75 -16.68
CA SER B 361 -23.27 -89.99 -17.32
C SER B 361 -24.28 -88.84 -17.23
N ALA B 362 -23.97 -87.78 -16.48
CA ALA B 362 -24.92 -86.70 -16.18
C ALA B 362 -24.56 -85.36 -16.82
N SER B 363 -23.61 -85.35 -17.77
CA SER B 363 -23.07 -84.11 -18.34
C SER B 363 -22.78 -84.23 -19.83
N TRP B 364 -23.30 -83.29 -20.62
CA TRP B 364 -23.02 -83.16 -22.05
C TRP B 364 -22.45 -81.77 -22.29
N CYS B 365 -21.33 -81.68 -23.01
CA CYS B 365 -20.64 -80.41 -23.24
C CYS B 365 -19.76 -80.38 -24.49
N VAL B 366 -19.42 -79.16 -24.91
CA VAL B 366 -18.39 -78.92 -25.93
C VAL B 366 -17.23 -78.19 -25.24
N GLU B 367 -16.01 -78.49 -25.68
CA GLU B 367 -14.81 -78.10 -24.94
C GLU B 367 -13.63 -77.77 -25.86
N TRP B 368 -12.86 -76.76 -25.47
CA TRP B 368 -11.61 -76.35 -26.14
C TRP B 368 -10.43 -76.83 -25.29
N PHE B 369 -9.44 -77.44 -25.93
CA PHE B 369 -8.19 -77.82 -25.25
C PHE B 369 -7.03 -77.60 -26.24
N ASN B 370 -6.26 -76.53 -26.01
CA ASN B 370 -5.23 -76.03 -26.94
C ASN B 370 -5.84 -75.62 -28.30
N THR B 371 -6.98 -74.92 -28.24
CA THR B 371 -7.76 -74.50 -29.42
C THR B 371 -8.19 -75.64 -30.35
N LYS B 372 -8.39 -76.84 -29.78
CA LYS B 372 -8.92 -77.99 -30.50
C LYS B 372 -10.28 -78.31 -29.90
N ILE B 373 -11.32 -78.25 -30.73
CA ILE B 373 -12.70 -78.39 -30.26
C ILE B 373 -13.08 -79.86 -30.15
N SER B 374 -13.72 -80.22 -29.03
CA SER B 374 -14.14 -81.59 -28.76
C SER B 374 -15.51 -81.63 -28.05
N ALA B 375 -16.42 -82.48 -28.53
CA ALA B 375 -17.70 -82.73 -27.85
C ALA B 375 -17.55 -83.92 -26.92
N TRP B 376 -18.00 -83.77 -25.67
CA TRP B 376 -17.79 -84.79 -24.63
C TRP B 376 -19.09 -85.26 -23.97
N HIS B 377 -19.14 -86.55 -23.65
CA HIS B 377 -20.15 -87.12 -22.77
C HIS B 377 -19.71 -88.50 -22.26
N ASN B 378 -19.63 -88.65 -20.93
CA ASN B 378 -19.33 -89.92 -20.27
C ASN B 378 -17.98 -90.52 -20.69
N ASN B 379 -16.95 -89.67 -20.70
CA ASN B 379 -15.56 -90.06 -21.02
C ASN B 379 -15.42 -90.52 -22.49
N VAL B 380 -16.02 -89.76 -23.39
CA VAL B 380 -16.03 -90.04 -24.83
C VAL B 380 -15.72 -88.77 -25.61
N GLU B 381 -14.71 -88.80 -26.47
CA GLU B 381 -14.27 -87.61 -27.23
C GLU B 381 -14.64 -87.69 -28.71
N LYS B 382 -15.37 -86.68 -29.19
CA LYS B 382 -15.61 -86.47 -30.62
C LYS B 382 -14.85 -85.21 -31.03
N THR B 383 -13.66 -85.39 -31.59
CA THR B 383 -12.79 -84.27 -31.99
C THR B 383 -13.37 -83.55 -33.22
N LEU B 384 -13.91 -82.35 -32.99
CA LEU B 384 -14.66 -81.58 -34.01
C LEU B 384 -13.76 -80.70 -34.88
N PRO B 385 -14.30 -80.13 -35.98
CA PRO B 385 -13.53 -79.15 -36.77
C PRO B 385 -13.41 -77.80 -36.07
N SER B 386 -12.21 -77.20 -36.06
CA SER B 386 -11.99 -75.89 -35.43
C SER B 386 -12.74 -74.80 -36.20
N THR B 387 -13.25 -73.80 -35.46
CA THR B 387 -14.14 -72.78 -36.02
C THR B 387 -13.66 -71.37 -35.68
N LYS B 388 -14.17 -70.41 -36.44
CA LYS B 388 -13.78 -69.01 -36.33
C LYS B 388 -14.50 -68.35 -35.16
N ALA B 389 -15.83 -68.51 -35.15
CA ALA B 389 -16.72 -67.87 -34.20
C ALA B 389 -16.32 -68.06 -32.74
N THR B 390 -16.64 -67.06 -31.91
CA THR B 390 -16.44 -67.12 -30.47
C THR B 390 -17.73 -66.80 -29.68
N ARG B 391 -18.90 -66.96 -30.31
CA ARG B 391 -20.18 -66.98 -29.61
C ARG B 391 -20.88 -68.32 -29.84
N VAL B 392 -21.04 -69.09 -28.76
CA VAL B 392 -21.68 -70.40 -28.80
C VAL B 392 -23.12 -70.27 -28.33
N GLY B 393 -24.06 -70.57 -29.22
CA GLY B 393 -25.49 -70.64 -28.88
C GLY B 393 -25.86 -72.08 -28.58
N VAL B 394 -26.54 -72.31 -27.45
CA VAL B 394 -26.93 -73.66 -27.03
C VAL B 394 -28.45 -73.76 -26.98
N LEU B 395 -29.02 -74.74 -27.68
CA LEU B 395 -30.48 -74.97 -27.66
C LEU B 395 -30.83 -76.29 -27.00
N LEU B 396 -31.93 -76.30 -26.22
CA LEU B 396 -32.39 -77.49 -25.50
C LEU B 396 -33.89 -77.69 -25.71
N ASN B 397 -34.29 -78.93 -26.00
CA ASN B 397 -35.70 -79.30 -26.21
C ASN B 397 -36.14 -80.40 -25.24
N CYS B 398 -36.68 -79.99 -24.09
CA CYS B 398 -37.18 -80.94 -23.08
C CYS B 398 -38.45 -81.68 -23.54
N ASP B 399 -39.23 -81.06 -24.41
CA ASP B 399 -40.48 -81.64 -24.91
C ASP B 399 -40.24 -82.92 -25.71
N HIS B 400 -39.26 -82.87 -26.62
CA HIS B 400 -38.92 -84.00 -27.48
C HIS B 400 -37.68 -84.76 -26.99
N GLY B 401 -36.60 -84.05 -26.76
CA GLY B 401 -35.37 -84.64 -26.19
C GLY B 401 -34.16 -84.52 -27.09
N PHE B 402 -33.67 -83.30 -27.23
CA PHE B 402 -32.38 -83.04 -27.89
C PHE B 402 -31.75 -81.72 -27.42
N VAL B 403 -30.42 -81.72 -27.43
CA VAL B 403 -29.62 -80.52 -27.15
C VAL B 403 -28.69 -80.30 -28.34
N ILE B 404 -28.59 -79.04 -28.76
CA ILE B 404 -27.83 -78.65 -29.95
C ILE B 404 -26.88 -77.50 -29.60
N PHE B 405 -25.65 -77.60 -30.10
CA PHE B 405 -24.62 -76.57 -29.95
C PHE B 405 -24.36 -75.92 -31.31
N PHE B 406 -24.41 -74.59 -31.36
CA PHE B 406 -24.17 -73.82 -32.58
C PHE B 406 -22.94 -72.92 -32.43
N ALA B 407 -22.33 -72.59 -33.56
CA ALA B 407 -21.30 -71.56 -33.65
C ALA B 407 -21.91 -70.32 -34.31
N VAL B 408 -21.68 -69.15 -33.71
CA VAL B 408 -22.28 -67.89 -34.18
C VAL B 408 -21.21 -66.79 -34.31
N ALA B 409 -21.03 -66.31 -35.56
CA ALA B 409 -20.24 -65.11 -35.85
C ALA B 409 -21.14 -64.10 -36.55
N ASP B 410 -21.68 -64.49 -37.70
CA ASP B 410 -22.76 -63.75 -38.39
C ASP B 410 -23.94 -64.67 -38.62
N LYS B 411 -23.70 -65.75 -39.37
CA LYS B 411 -24.69 -66.82 -39.60
C LYS B 411 -24.70 -67.77 -38.41
N VAL B 412 -25.50 -68.84 -38.50
CA VAL B 412 -25.55 -69.90 -37.48
C VAL B 412 -24.95 -71.20 -38.05
N HIS B 413 -23.71 -71.49 -37.69
CA HIS B 413 -23.08 -72.78 -38.06
C HIS B 413 -23.36 -73.82 -36.99
N LEU B 414 -23.24 -75.10 -37.36
CA LEU B 414 -23.52 -76.23 -36.46
C LEU B 414 -22.22 -76.87 -35.96
N MET B 415 -22.12 -77.05 -34.64
CA MET B 415 -20.96 -77.71 -34.02
C MET B 415 -21.28 -79.18 -33.76
N TYR B 416 -22.31 -79.43 -32.94
CA TYR B 416 -22.72 -80.79 -32.58
C TYR B 416 -24.13 -80.85 -31.96
N LYS B 417 -24.68 -82.06 -31.91
CA LYS B 417 -26.00 -82.33 -31.36
C LYS B 417 -25.95 -83.56 -30.46
N PHE B 418 -26.95 -83.71 -29.59
CA PHE B 418 -27.16 -84.95 -28.83
C PHE B 418 -28.65 -85.34 -28.82
N ARG B 419 -28.92 -86.61 -29.12
CA ARG B 419 -30.27 -87.16 -29.16
C ARG B 419 -30.51 -87.96 -27.89
N VAL B 420 -31.14 -87.34 -26.90
CA VAL B 420 -31.31 -87.94 -25.57
C VAL B 420 -32.72 -87.71 -25.02
N ASP B 421 -33.39 -88.78 -24.59
CA ASP B 421 -34.55 -88.66 -23.70
C ASP B 421 -34.01 -88.50 -22.29
N PHE B 422 -34.13 -87.29 -21.75
CA PHE B 422 -33.49 -86.93 -20.49
C PHE B 422 -34.25 -87.44 -19.27
N THR B 423 -33.51 -87.89 -18.26
CA THR B 423 -34.10 -88.48 -17.05
C THR B 423 -34.68 -87.42 -16.09
N GLU B 424 -33.95 -86.33 -15.88
CA GLU B 424 -34.34 -85.25 -14.96
C GLU B 424 -33.96 -83.88 -15.53
N ALA B 425 -34.27 -82.81 -14.79
CA ALA B 425 -33.97 -81.43 -15.23
C ALA B 425 -32.49 -81.16 -15.45
N LEU B 426 -32.20 -80.21 -16.34
CA LEU B 426 -30.83 -79.82 -16.70
C LEU B 426 -30.51 -78.37 -16.32
N TYR B 427 -29.37 -78.17 -15.66
CA TYR B 427 -28.76 -76.86 -15.44
C TYR B 427 -27.73 -76.62 -16.57
N PRO B 428 -27.67 -75.38 -17.11
CA PRO B 428 -26.53 -74.99 -17.96
C PRO B 428 -25.20 -75.04 -17.20
N ALA B 429 -24.12 -75.39 -17.90
CA ALA B 429 -22.83 -75.68 -17.27
C ALA B 429 -21.66 -75.07 -18.04
N PHE B 430 -20.64 -74.64 -17.28
CA PHE B 430 -19.55 -73.83 -17.83
C PHE B 430 -18.21 -74.17 -17.16
N TRP B 431 -17.15 -74.24 -17.96
CA TRP B 431 -15.79 -74.51 -17.48
C TRP B 431 -14.79 -73.52 -18.11
N VAL B 432 -13.81 -73.07 -17.32
CA VAL B 432 -12.72 -72.16 -17.78
C VAL B 432 -11.43 -72.44 -17.01
N PHE B 433 -10.30 -72.50 -17.72
CA PHE B 433 -9.01 -72.88 -17.10
C PHE B 433 -7.79 -72.02 -17.49
N SER B 434 -7.69 -71.60 -18.75
CA SER B 434 -6.54 -70.78 -19.19
C SER B 434 -6.65 -69.39 -18.59
N ALA B 435 -5.67 -69.00 -17.78
CA ALA B 435 -5.68 -67.71 -17.06
C ALA B 435 -5.85 -66.54 -18.04
N GLY B 436 -7.11 -66.15 -18.27
CA GLY B 436 -7.47 -65.17 -19.28
C GLY B 436 -8.84 -65.42 -19.88
N ALA B 437 -9.19 -66.70 -20.06
CA ALA B 437 -10.48 -67.09 -20.63
C ALA B 437 -11.68 -66.58 -19.83
N THR B 438 -12.78 -66.34 -20.54
CA THR B 438 -13.93 -65.62 -19.99
C THR B 438 -15.20 -65.97 -20.74
N LEU B 439 -16.20 -66.46 -20.00
CA LEU B 439 -17.51 -66.81 -20.56
C LEU B 439 -18.57 -65.80 -20.11
N SER B 440 -19.27 -65.21 -21.07
CA SER B 440 -20.22 -64.13 -20.80
C SER B 440 -21.56 -64.48 -21.43
N ILE B 441 -22.65 -64.31 -20.68
CA ILE B 441 -24.01 -64.57 -21.22
C ILE B 441 -24.38 -63.41 -22.15
N CYS B 442 -24.84 -63.73 -23.35
CA CYS B 442 -25.26 -62.72 -24.33
C CYS B 442 -26.78 -62.51 -24.22
N SER B 443 -27.20 -61.24 -24.24
CA SER B 443 -28.63 -60.90 -24.31
C SER B 443 -29.12 -60.10 -25.55
N PRO B 444 -28.40 -60.14 -26.69
CA PRO B 444 -29.08 -59.82 -27.97
C PRO B 444 -30.08 -60.90 -28.40
N ALA C 4 82.33 65.36 67.76
CA ALA C 4 82.99 66.71 67.65
C ALA C 4 84.34 66.69 66.90
N SER C 5 84.49 65.76 65.94
CA SER C 5 85.76 65.54 65.20
C SER C 5 85.57 65.61 63.67
N LEU C 6 86.66 65.77 62.90
CA LEU C 6 86.57 65.80 61.42
C LEU C 6 86.74 64.43 60.80
N SER C 7 87.96 63.89 60.81
CA SER C 7 88.28 62.66 60.08
C SER C 7 87.36 61.49 60.45
N GLN C 8 86.95 61.44 61.73
CA GLN C 8 85.99 60.43 62.19
C GLN C 8 84.57 60.66 61.67
N ALA C 9 84.16 61.91 61.50
CA ALA C 9 82.86 62.24 60.88
C ALA C 9 82.89 61.98 59.37
N SER C 10 83.99 62.38 58.73
CA SER C 10 84.27 62.07 57.32
C SER C 10 84.24 60.55 57.07
N ALA C 11 84.82 59.78 58.00
CA ALA C 11 84.78 58.31 57.94
C ALA C 11 83.39 57.73 58.26
N ASP C 12 82.73 58.26 59.29
CA ASP C 12 81.36 57.82 59.67
C ASP C 12 80.32 58.09 58.58
N LEU C 13 80.52 59.17 57.83
CA LEU C 13 79.78 59.39 56.58
C LEU C 13 80.20 58.34 55.55
N GLU C 14 81.46 58.43 55.11
CA GLU C 14 82.01 57.59 54.02
C GLU C 14 81.66 56.11 54.14
N ALA C 15 81.75 55.58 55.37
CA ALA C 15 81.46 54.18 55.66
C ALA C 15 80.00 53.80 55.39
N THR C 16 79.06 54.52 55.99
CA THR C 16 77.63 54.23 55.82
C THR C 16 77.12 54.70 54.45
N LEU C 17 77.86 55.60 53.80
CA LEU C 17 77.53 56.11 52.47
C LEU C 17 77.71 55.05 51.38
N ARG C 18 78.89 54.44 51.34
CA ARG C 18 79.16 53.40 50.33
C ARG C 18 78.41 52.09 50.59
N HIS C 19 78.02 51.87 51.84
CA HIS C 19 77.10 50.77 52.22
C HIS C 19 75.77 50.84 51.45
N LYS C 20 75.23 52.05 51.30
CA LYS C 20 74.04 52.27 50.49
C LYS C 20 74.33 52.16 48.98
N LEU C 21 75.48 52.70 48.54
CA LEU C 21 75.93 52.57 47.15
C LEU C 21 76.04 51.11 46.70
N THR C 22 76.67 50.29 47.56
CA THR C 22 76.80 48.84 47.29
C THR C 22 75.46 48.11 47.26
N VAL C 23 74.50 48.54 48.08
CA VAL C 23 73.13 47.99 48.02
C VAL C 23 72.41 48.47 46.75
N MET C 24 72.62 49.73 46.37
CA MET C 24 72.02 50.28 45.14
C MET C 24 72.48 49.57 43.86
N TYR C 25 73.75 49.15 43.80
CA TYR C 25 74.21 48.27 42.70
C TYR C 25 73.28 47.05 42.55
N SER C 26 73.09 46.33 43.66
CA SER C 26 72.25 45.12 43.70
C SER C 26 70.76 45.42 43.51
N GLN C 27 70.31 46.61 43.92
CA GLN C 27 68.96 47.07 43.58
C GLN C 27 68.82 47.27 42.06
N ILE C 28 69.76 47.99 41.46
CA ILE C 28 69.73 48.31 40.01
C ILE C 28 69.89 47.05 39.14
N ASN C 29 70.83 46.19 39.50
CA ASN C 29 70.96 44.88 38.84
C ASN C 29 69.77 43.95 39.14
N GLY C 30 69.14 44.14 40.30
CA GLY C 30 67.84 43.51 40.62
C GLY C 30 66.68 44.01 39.77
N ALA C 31 66.72 45.28 39.37
CA ALA C 31 65.78 45.82 38.37
C ALA C 31 66.08 45.34 36.96
N SER C 32 67.34 45.45 36.55
CA SER C 32 67.79 45.00 35.21
C SER C 32 67.36 43.57 34.88
N ARG C 33 67.42 42.67 35.87
CA ARG C 33 66.87 41.31 35.76
C ARG C 33 65.36 41.29 35.50
N ALA C 34 64.63 42.12 36.25
CA ALA C 34 63.16 42.22 36.09
C ALA C 34 62.76 42.81 34.73
N LEU C 35 63.55 43.77 34.24
CA LEU C 35 63.38 44.29 32.87
C LEU C 35 63.53 43.20 31.80
N ASP C 36 64.50 42.31 32.00
CA ASP C 36 64.72 41.17 31.09
C ASP C 36 63.61 40.13 31.23
N ASP C 37 63.24 39.80 32.46
CA ASP C 37 62.15 38.84 32.75
C ASP C 37 60.84 39.20 32.04
N VAL C 38 60.51 40.49 31.99
CA VAL C 38 59.29 40.98 31.34
C VAL C 38 59.35 40.75 29.81
N ARG C 39 60.44 41.20 29.19
CA ARG C 39 60.65 41.02 27.74
C ARG C 39 60.74 39.55 27.36
N ASN C 40 61.34 38.72 28.22
CA ASN C 40 61.32 37.26 28.04
C ASN C 40 59.89 36.71 28.17
N ARG C 41 59.15 37.19 29.17
CA ARG C 41 57.76 36.76 29.37
C ARG C 41 56.79 37.21 28.26
N GLN C 42 57.11 38.32 27.59
CA GLN C 42 56.36 38.73 26.37
C GLN C 42 56.54 37.71 25.23
N GLN C 43 57.80 37.32 24.99
CA GLN C 43 58.14 36.27 24.02
C GLN C 43 57.51 34.94 24.40
N ASP C 44 57.57 34.63 25.70
CA ASP C 44 56.88 33.45 26.26
C ASP C 44 55.39 33.38 25.89
N VAL C 45 54.69 34.51 25.98
CA VAL C 45 53.28 34.59 25.56
C VAL C 45 53.15 34.56 24.04
N ARG C 46 53.98 35.36 23.34
CA ARG C 46 53.96 35.41 21.86
C ARG C 46 54.04 34.04 21.19
N MET C 47 54.87 33.14 21.73
CA MET C 47 54.92 31.76 21.23
C MET C 47 53.67 30.96 21.61
N THR C 48 53.18 31.14 22.84
CA THR C 48 51.93 30.48 23.29
C THR C 48 50.72 30.89 22.46
N ALA C 49 50.74 32.12 21.92
CA ALA C 49 49.71 32.55 20.96
C ALA C 49 49.80 31.75 19.66
N ASN C 50 50.99 31.78 19.05
CA ASN C 50 51.26 31.09 17.79
C ASN C 50 50.98 29.58 17.87
N ARG C 51 51.34 28.97 19.01
CA ARG C 51 51.08 27.55 19.23
C ARG C 51 49.59 27.23 19.32
N LYS C 52 48.80 28.12 19.94
CA LYS C 52 47.34 27.94 20.00
C LYS C 52 46.63 28.31 18.70
N VAL C 53 47.23 29.24 17.93
CA VAL C 53 46.72 29.59 16.59
C VAL C 53 46.97 28.43 15.62
N GLU C 54 48.23 27.99 15.53
CA GLU C 54 48.58 26.82 14.71
C GLU C 54 47.79 25.56 15.12
N GLN C 55 47.48 25.43 16.40
CA GLN C 55 46.57 24.38 16.92
C GLN C 55 45.16 24.48 16.33
N LEU C 56 44.68 25.69 16.05
CA LEU C 56 43.38 25.89 15.39
C LEU C 56 43.47 25.76 13.86
N GLN C 57 44.56 26.26 13.27
CA GLN C 57 44.81 26.10 11.83
C GLN C 57 44.83 24.63 11.37
N GLN C 58 45.30 23.73 12.23
CA GLN C 58 45.18 22.28 12.01
C GLN C 58 43.71 21.85 12.05
N GLU C 59 43.07 22.13 13.18
CA GLU C 59 41.67 21.75 13.44
C GLU C 59 40.68 22.24 12.38
N TYR C 60 40.89 23.43 11.84
CA TYR C 60 40.06 23.92 10.73
C TYR C 60 40.39 23.20 9.40
N THR C 61 41.67 22.92 9.15
CA THR C 61 42.08 22.15 7.95
C THR C 61 41.57 20.70 7.98
N GLU C 62 41.50 20.11 9.17
CA GLU C 62 40.84 18.81 9.37
C GLU C 62 39.37 18.84 8.94
N MET C 63 38.68 19.92 9.32
CA MET C 63 37.29 20.15 8.92
C MET C 63 37.16 20.42 7.41
N LYS C 64 38.07 21.23 6.85
CA LYS C 64 38.09 21.51 5.40
C LYS C 64 38.24 20.23 4.56
N ALA C 65 39.11 19.32 5.01
CA ALA C 65 39.29 18.04 4.33
C ALA C 65 38.07 17.09 4.47
N LEU C 66 37.38 17.17 5.62
CA LEU C 66 36.14 16.40 5.85
C LEU C 66 35.02 16.74 4.87
N LEU C 67 34.95 18.01 4.46
CA LEU C 67 34.00 18.46 3.44
C LEU C 67 34.43 18.05 2.03
N ASP C 68 35.74 18.02 1.77
CA ASP C 68 36.28 17.50 0.50
C ASP C 68 36.01 16.00 0.30
N ALA C 69 35.91 15.25 1.40
CA ALA C 69 35.48 13.86 1.35
C ALA C 69 34.00 13.75 0.96
N SER C 70 33.14 14.37 1.77
CA SER C 70 31.68 14.33 1.53
C SER C 70 31.28 14.92 0.18
N GLU C 71 31.99 15.98 -0.24
CA GLU C 71 31.78 16.60 -1.56
C GLU C 71 31.99 15.60 -2.69
N THR C 72 33.08 14.84 -2.65
CA THR C 72 33.34 13.80 -3.66
C THR C 72 32.38 12.60 -3.47
N THR C 73 32.10 12.25 -2.20
CA THR C 73 31.22 11.12 -1.86
C THR C 73 29.77 11.31 -2.35
N SER C 74 29.24 12.53 -2.22
CA SER C 74 27.92 12.85 -2.79
C SER C 74 27.95 12.97 -4.33
N THR C 75 29.05 13.49 -4.89
CA THR C 75 29.25 13.60 -6.34
C THR C 75 29.30 12.22 -7.02
N ARG C 76 30.03 11.30 -6.41
CA ARG C 76 30.09 9.90 -6.88
C ARG C 76 28.68 9.30 -7.00
N LYS C 77 27.88 9.50 -5.95
CA LYS C 77 26.49 9.04 -5.91
C LYS C 77 25.63 9.56 -7.06
N ILE C 78 25.80 10.84 -7.43
CA ILE C 78 25.06 11.42 -8.55
C ILE C 78 25.52 10.86 -9.90
N LYS C 79 26.83 10.78 -10.10
CA LYS C 79 27.38 10.23 -11.34
C LYS C 79 27.06 8.72 -11.51
N GLU C 80 26.93 8.00 -10.39
CA GLU C 80 26.42 6.61 -10.42
C GLU C 80 24.98 6.50 -10.96
N GLU C 81 24.08 7.31 -10.39
CA GLU C 81 22.69 7.44 -10.88
C GLU C 81 22.64 7.97 -12.33
N GLU C 82 23.60 8.83 -12.72
CA GLU C 82 23.71 9.25 -14.13
C GLU C 82 24.08 8.05 -15.03
N LYS C 83 25.17 7.38 -14.67
CA LYS C 83 25.65 6.23 -15.44
C LYS C 83 24.62 5.09 -15.51
N ARG C 84 23.91 4.86 -14.40
CA ARG C 84 22.81 3.87 -14.35
C ARG C 84 21.79 4.12 -15.47
N VAL C 85 21.30 5.35 -15.55
CA VAL C 85 20.30 5.73 -16.54
C VAL C 85 20.89 5.80 -17.94
N ASN C 86 22.02 6.49 -18.10
CA ASN C 86 22.65 6.59 -19.44
C ASN C 86 23.13 5.25 -20.04
N SER C 87 23.52 4.30 -19.18
CA SER C 87 23.84 2.94 -19.63
C SER C 87 22.62 2.16 -20.12
N LYS C 88 21.46 2.42 -19.51
CA LYS C 88 20.19 1.82 -19.96
C LYS C 88 19.74 2.33 -21.33
N PHE C 89 19.99 3.62 -21.58
CA PHE C 89 19.79 4.18 -22.92
C PHE C 89 20.77 3.59 -23.93
N ASP C 90 22.03 3.37 -23.55
CA ASP C 90 22.99 2.67 -24.42
C ASP C 90 22.54 1.25 -24.78
N THR C 91 21.82 0.60 -23.86
CA THR C 91 21.16 -0.69 -24.15
C THR C 91 19.97 -0.49 -25.09
N ILE C 92 19.02 0.36 -24.67
CA ILE C 92 17.78 0.54 -25.44
C ILE C 92 18.05 1.02 -26.87
N TYR C 93 19.11 1.81 -27.06
CA TYR C 93 19.60 2.19 -28.39
C TYR C 93 19.93 0.96 -29.23
N GLN C 94 20.65 0.02 -28.63
CA GLN C 94 20.98 -1.25 -29.29
C GLN C 94 19.72 -2.11 -29.52
N ILE C 95 18.77 -2.10 -28.57
CA ILE C 95 17.49 -2.81 -28.78
C ILE C 95 16.68 -2.24 -29.96
N LEU C 96 16.60 -0.91 -30.02
CA LEU C 96 15.93 -0.23 -31.15
C LEU C 96 16.68 -0.47 -32.46
N LEU C 97 18.02 -0.34 -32.40
CA LEU C 97 18.89 -0.56 -33.57
C LEU C 97 18.67 -1.91 -34.25
N LYS C 98 18.50 -2.98 -33.46
CA LYS C 98 18.22 -4.31 -34.01
C LYS C 98 16.86 -4.33 -34.72
N LYS C 99 15.84 -3.80 -34.05
CA LYS C 99 14.49 -3.70 -34.63
C LYS C 99 14.44 -2.84 -35.89
N LYS C 100 15.31 -1.84 -35.97
CA LYS C 100 15.44 -1.04 -37.19
C LYS C 100 15.95 -1.92 -38.34
N SER C 101 17.19 -2.39 -38.23
CA SER C 101 17.81 -3.21 -39.29
C SER C 101 17.02 -4.49 -39.62
N GLU C 102 16.29 -5.02 -38.62
CA GLU C 102 15.31 -6.10 -38.85
C GLU C 102 14.28 -5.70 -39.92
N ILE C 103 13.68 -4.52 -39.75
CA ILE C 103 12.65 -4.01 -40.66
C ILE C 103 13.27 -3.49 -41.97
N GLN C 104 14.48 -2.95 -41.87
CA GLN C 104 15.30 -2.55 -43.03
C GLN C 104 15.58 -3.72 -43.98
N THR C 105 15.72 -4.93 -43.44
CA THR C 105 15.94 -6.13 -44.26
C THR C 105 14.72 -6.47 -45.09
N LEU C 106 13.57 -6.60 -44.41
CA LEU C 106 12.31 -6.95 -45.07
C LEU C 106 11.86 -5.92 -46.09
N LYS C 107 12.25 -4.66 -45.88
CA LYS C 107 12.12 -3.61 -46.88
C LYS C 107 12.89 -3.97 -48.14
N GLU C 108 14.19 -4.26 -48.00
CA GLU C 108 15.06 -4.60 -49.14
C GLU C 108 14.69 -5.90 -49.83
N GLU C 109 14.22 -6.87 -49.04
CA GLU C 109 13.70 -8.14 -49.58
C GLU C 109 12.53 -7.88 -50.53
N ILE C 110 11.64 -6.98 -50.11
CA ILE C 110 10.51 -6.56 -50.95
C ILE C 110 10.97 -5.69 -52.14
N GLU C 111 11.88 -4.75 -51.89
CA GLU C 111 12.40 -3.86 -52.96
C GLU C 111 13.16 -4.62 -54.05
N GLN C 112 13.88 -5.68 -53.67
CA GLN C 112 14.54 -6.55 -54.65
C GLN C 112 13.54 -7.33 -55.50
N SER C 113 12.51 -7.89 -54.85
CA SER C 113 11.50 -8.70 -55.54
C SER C 113 10.64 -7.94 -56.56
N LEU C 114 10.45 -6.64 -56.32
CA LEU C 114 9.67 -5.79 -57.23
C LEU C 114 10.35 -5.56 -58.58
N THR C 115 11.68 -5.61 -58.62
CA THR C 115 12.44 -5.29 -59.84
C THR C 115 12.12 -6.21 -61.01
N LYS C 116 12.12 -7.52 -60.74
CA LYS C 116 11.70 -8.52 -61.74
C LYS C 116 10.21 -8.79 -61.63
N ARG C 117 9.42 -7.87 -62.19
CA ARG C 117 8.00 -8.13 -62.48
C ARG C 117 7.80 -8.59 -63.95
N ASP C 118 8.91 -8.87 -64.64
CA ASP C 118 8.88 -9.55 -65.94
C ASP C 118 8.47 -11.01 -65.72
N GLU C 119 9.04 -11.62 -64.67
CA GLU C 119 8.82 -13.02 -64.33
C GLU C 119 7.37 -13.41 -64.04
N PHE C 120 7.12 -14.69 -64.26
CA PHE C 120 5.95 -15.39 -63.76
C PHE C 120 6.15 -15.57 -62.26
N GLU C 121 7.36 -15.99 -61.89
CA GLU C 121 7.76 -16.22 -60.50
C GLU C 121 7.97 -14.95 -59.64
N PHE C 122 7.63 -13.79 -60.19
CA PHE C 122 7.34 -12.61 -59.37
C PHE C 122 6.26 -12.92 -58.35
N LEU C 123 5.23 -13.66 -58.78
CA LEU C 123 4.16 -14.11 -57.89
C LEU C 123 4.68 -15.11 -56.86
N GLU C 124 5.41 -16.13 -57.32
CA GLU C 124 5.95 -17.20 -56.47
C GLU C 124 6.95 -16.67 -55.43
N LYS C 125 7.88 -15.81 -55.86
CA LYS C 125 8.89 -15.26 -54.95
C LYS C 125 8.35 -14.25 -53.91
N ALA C 126 7.19 -13.67 -54.20
CA ALA C 126 6.53 -12.73 -53.29
C ALA C 126 5.27 -13.28 -52.60
N SER C 127 4.84 -14.49 -52.93
CA SER C 127 3.69 -15.13 -52.26
C SER C 127 3.98 -15.39 -50.78
N LYS C 128 5.21 -15.81 -50.48
CA LYS C 128 5.71 -15.94 -49.11
C LYS C 128 5.82 -14.58 -48.39
N LEU C 129 6.14 -13.51 -49.14
CA LEU C 129 6.24 -12.15 -48.58
C LEU C 129 4.91 -11.52 -48.15
N ARG C 130 3.79 -12.12 -48.52
CA ARG C 130 2.46 -11.62 -48.12
C ARG C 130 2.26 -11.65 -46.60
N GLY C 131 2.71 -12.74 -45.97
CA GLY C 131 2.50 -12.96 -44.54
C GLY C 131 3.26 -12.03 -43.61
N ILE C 132 4.40 -11.50 -44.05
CA ILE C 132 5.25 -10.67 -43.19
C ILE C 132 4.57 -9.34 -42.85
N SER C 133 4.56 -9.00 -41.56
CA SER C 133 3.92 -7.77 -41.07
C SER C 133 4.73 -7.18 -39.93
N THR C 134 5.49 -6.12 -40.24
CA THR C 134 6.31 -5.42 -39.26
C THR C 134 5.44 -4.56 -38.36
N LYS C 135 5.97 -4.18 -37.20
CA LYS C 135 5.27 -3.33 -36.25
C LYS C 135 6.23 -2.25 -35.72
N PRO C 136 5.68 -1.09 -35.30
CA PRO C 136 6.53 0.06 -34.98
C PRO C 136 7.23 -0.05 -33.62
N VAL C 137 8.34 0.67 -33.47
CA VAL C 137 9.18 0.62 -32.25
C VAL C 137 8.53 1.31 -31.04
N TYR C 138 9.02 0.99 -29.86
CA TYR C 138 8.63 1.72 -28.64
C TYR C 138 9.77 1.78 -27.62
N ILE C 139 9.82 2.89 -26.88
CA ILE C 139 10.82 3.13 -25.83
C ILE C 139 10.09 3.14 -24.48
N PRO C 140 10.56 2.33 -23.50
CA PRO C 140 9.83 2.25 -22.21
C PRO C 140 10.07 3.47 -21.32
N GLU C 141 9.42 3.48 -20.15
CA GLU C 141 9.63 4.58 -19.18
C GLU C 141 11.04 4.50 -18.58
N VAL C 142 11.90 5.43 -19.02
CA VAL C 142 13.25 5.59 -18.46
C VAL C 142 13.35 6.98 -17.86
N GLU C 143 12.91 7.09 -16.60
CA GLU C 143 12.95 8.34 -15.84
C GLU C 143 14.09 8.33 -14.82
N LEU C 144 14.79 9.45 -14.72
CA LEU C 144 15.89 9.64 -13.79
C LEU C 144 15.33 9.85 -12.38
N ASN C 145 15.97 9.25 -11.38
CA ASN C 145 15.47 9.32 -9.99
C ASN C 145 15.69 10.72 -9.43
N HIS C 146 14.63 11.54 -9.45
CA HIS C 146 14.68 12.91 -8.93
C HIS C 146 14.68 12.96 -7.40
N LYS C 147 13.83 12.15 -6.77
CA LYS C 147 13.75 12.09 -5.29
C LYS C 147 15.11 11.88 -4.62
N LEU C 148 15.92 11.00 -5.17
CA LEU C 148 17.25 10.70 -4.61
C LEU C 148 18.21 11.89 -4.75
N ILE C 149 18.18 12.55 -5.92
CA ILE C 149 19.11 13.66 -6.22
C ILE C 149 18.70 14.96 -5.53
N LYS C 150 17.39 15.16 -5.40
CA LYS C 150 16.85 16.27 -4.61
C LYS C 150 17.08 16.05 -3.10
N GLY C 151 17.05 14.79 -2.66
CA GLY C 151 17.33 14.40 -1.27
C GLY C 151 18.76 14.66 -0.82
N ILE C 152 19.73 14.37 -1.70
CA ILE C 152 21.15 14.68 -1.45
C ILE C 152 21.36 16.20 -1.35
N HIS C 153 20.81 16.91 -2.33
CA HIS C 153 20.82 18.37 -2.36
C HIS C 153 20.16 18.99 -1.11
N GLN C 154 19.06 18.39 -0.67
CA GLN C 154 18.35 18.84 0.53
C GLN C 154 19.16 18.58 1.80
N SER C 155 19.79 17.41 1.91
CA SER C 155 20.72 17.12 3.03
C SER C 155 21.95 18.03 3.01
N THR C 156 22.47 18.33 1.82
CA THR C 156 23.58 19.30 1.67
C THR C 156 23.15 20.74 2.04
N ILE C 157 21.93 21.13 1.65
CA ILE C 157 21.33 22.39 2.12
C ILE C 157 21.15 22.37 3.64
N ASP C 158 20.70 21.24 4.19
CA ASP C 158 20.58 21.05 5.65
C ASP C 158 21.93 21.17 6.36
N LEU C 159 22.98 20.59 5.80
CA LEU C 159 24.34 20.70 6.40
C LEU C 159 24.84 22.14 6.51
N LYS C 160 24.55 22.96 5.51
CA LYS C 160 24.93 24.38 5.54
C LYS C 160 24.30 25.13 6.73
N ASN C 161 23.02 24.83 7.00
CA ASN C 161 22.28 25.46 8.11
C ASN C 161 22.43 24.73 9.46
N GLU C 162 22.92 23.49 9.43
CA GLU C 162 23.42 22.80 10.63
C GLU C 162 24.79 23.36 11.05
N LEU C 163 25.65 23.65 10.07
CA LEU C 163 26.96 24.28 10.33
C LEU C 163 26.80 25.68 10.90
N LYS C 164 25.96 26.47 10.25
CA LYS C 164 25.58 27.83 10.70
C LYS C 164 25.14 27.83 12.17
N GLN C 165 24.38 26.81 12.56
CA GLN C 165 23.95 26.58 13.96
C GLN C 165 25.14 26.43 14.90
N CYS C 166 26.10 25.58 14.53
CA CYS C 166 27.26 25.28 15.38
C CYS C 166 28.37 26.33 15.37
N ILE C 167 28.51 27.08 14.27
CA ILE C 167 29.43 28.26 14.25
C ILE C 167 28.91 29.34 15.22
N GLY C 168 27.59 29.47 15.34
CA GLY C 168 26.97 30.33 16.37
C GLY C 168 27.25 29.89 17.80
N ARG C 169 27.26 28.57 18.03
CA ARG C 169 27.58 27.98 19.35
C ARG C 169 29.06 28.13 19.77
N LEU C 170 29.94 28.45 18.82
CA LEU C 170 31.33 28.79 19.13
C LEU C 170 31.42 30.23 19.62
N GLN C 171 30.78 31.16 18.89
CA GLN C 171 30.90 32.60 19.17
C GLN C 171 29.91 33.10 20.25
N THR C 249 56.37 88.81 38.54
CA THR C 249 54.91 88.74 38.54
C THR C 249 54.30 89.35 37.27
N SER C 250 54.91 90.40 36.73
CA SER C 250 54.38 91.11 35.56
C SER C 250 54.27 90.23 34.30
N LEU C 251 55.25 89.36 34.08
CA LEU C 251 55.18 88.33 33.04
C LEU C 251 54.28 87.17 33.48
N LYS C 252 54.46 86.74 34.73
CA LYS C 252 53.78 85.53 35.25
C LYS C 252 52.26 85.65 35.20
N ALA C 253 51.75 86.81 35.64
CA ALA C 253 50.32 87.11 35.59
C ALA C 253 49.78 87.23 34.16
N LYS C 254 50.59 87.77 33.25
CA LYS C 254 50.18 87.95 31.84
C LYS C 254 50.03 86.62 31.09
N VAL C 255 50.91 85.66 31.39
CA VAL C 255 50.87 84.32 30.77
C VAL C 255 49.70 83.49 31.33
N LEU C 256 49.41 83.64 32.62
CA LEU C 256 48.25 82.99 33.26
C LEU C 256 46.96 83.27 32.49
N GLU C 257 46.72 84.56 32.22
CA GLU C 257 45.49 85.03 31.55
C GLU C 257 45.37 84.44 30.13
N THR C 258 46.49 84.40 29.42
CA THR C 258 46.57 83.78 28.09
C THR C 258 46.11 82.32 28.12
N PHE C 259 46.67 81.55 29.06
CA PHE C 259 46.30 80.13 29.24
C PHE C 259 44.87 79.95 29.76
N LEU C 260 44.41 80.85 30.64
CA LEU C 260 43.03 80.82 31.13
C LEU C 260 41.98 80.99 30.03
N ALA C 261 42.32 81.75 28.98
CA ALA C 261 41.40 82.00 27.86
C ALA C 261 41.52 81.03 26.68
N LYS C 262 42.44 80.05 26.76
CA LYS C 262 42.66 79.10 25.66
C LYS C 262 41.50 78.12 25.45
N SER C 263 41.41 77.60 24.22
CA SER C 263 40.41 76.60 23.84
C SER C 263 40.98 75.18 24.00
N ARG C 264 40.12 74.18 23.85
CA ARG C 264 40.51 72.77 24.05
C ARG C 264 41.63 72.28 23.12
N PRO C 265 41.60 72.65 21.81
CA PRO C 265 42.70 72.26 20.91
C PRO C 265 44.07 72.87 21.26
N GLU C 266 44.07 74.08 21.81
CA GLU C 266 45.29 74.77 22.22
C GLU C 266 45.89 74.15 23.50
N LEU C 267 45.03 73.76 24.43
CA LEU C 267 45.43 73.04 25.65
C LEU C 267 46.01 71.66 25.34
N LEU C 268 45.43 70.97 24.36
CA LEU C 268 45.86 69.63 23.95
C LEU C 268 47.24 69.57 23.26
N GLU C 269 47.78 70.72 22.86
CA GLU C 269 49.16 70.79 22.34
C GLU C 269 50.24 70.41 23.36
N TYR C 270 49.93 70.58 24.65
CA TYR C 270 50.86 70.26 25.74
C TYR C 270 50.48 68.95 26.47
N TYR C 271 49.94 67.98 25.72
CA TYR C 271 49.43 66.74 26.30
C TYR C 271 50.57 65.80 26.66
N ILE C 272 50.37 65.04 27.74
CA ILE C 272 51.26 63.93 28.12
C ILE C 272 50.37 62.78 28.62
N LYS C 273 50.58 61.57 28.08
CA LYS C 273 49.78 60.41 28.47
C LYS C 273 50.16 60.01 29.90
N VAL C 274 49.23 60.21 30.81
CA VAL C 274 49.44 59.86 32.22
C VAL C 274 49.29 58.36 32.39
N ILE C 275 50.20 57.79 33.18
CA ILE C 275 50.23 56.36 33.48
C ILE C 275 50.14 56.21 35.00
N LEU C 276 49.24 55.34 35.47
CA LEU C 276 49.12 55.10 36.91
C LEU C 276 50.28 54.24 37.39
N ASP C 277 50.63 54.40 38.66
CA ASP C 277 51.75 53.68 39.27
C ASP C 277 51.21 52.65 40.27
N TYR C 278 51.44 51.36 39.99
CA TYR C 278 51.00 50.27 40.89
C TYR C 278 51.68 50.28 42.26
N ASN C 279 52.87 50.86 42.36
CA ASN C 279 53.57 51.01 43.65
C ASN C 279 52.78 51.89 44.60
N THR C 280 52.19 52.95 44.04
CA THR C 280 51.53 53.99 44.83
C THR C 280 50.11 53.64 45.28
N ALA C 281 49.40 52.83 44.50
CA ALA C 281 47.96 52.60 44.73
C ALA C 281 47.62 51.93 46.05
N HIS C 282 46.67 52.51 46.79
CA HIS C 282 46.17 51.91 48.04
C HIS C 282 45.48 50.56 47.77
N ASN C 283 45.54 49.68 48.76
CA ASN C 283 44.99 48.31 48.69
C ASN C 283 43.57 48.19 48.13
N LYS C 284 42.71 49.18 48.40
CA LYS C 284 41.32 49.20 47.91
C LYS C 284 41.11 50.00 46.60
N VAL C 285 42.21 50.37 45.94
CA VAL C 285 42.18 51.04 44.63
C VAL C 285 42.61 50.05 43.54
N ALA C 286 41.70 49.80 42.60
CA ALA C 286 41.90 48.88 41.49
C ALA C 286 42.35 49.63 40.24
N LEU C 287 43.36 49.07 39.56
CA LEU C 287 44.02 49.67 38.41
C LEU C 287 43.82 48.79 37.17
N SER C 288 43.60 49.41 36.02
CA SER C 288 43.36 48.65 34.79
C SER C 288 43.61 49.40 33.47
N GLU C 289 43.59 48.59 32.41
CA GLU C 289 43.63 49.01 31.00
C GLU C 289 44.95 49.69 30.67
N CYS C 290 46.01 48.87 30.73
CA CYS C 290 47.40 49.33 30.67
C CYS C 290 47.69 50.42 31.72
N TYR C 291 47.13 50.19 32.91
CA TYR C 291 47.25 51.09 34.07
C TYR C 291 46.87 52.54 33.78
N THR C 292 45.71 52.71 33.13
CA THR C 292 45.15 54.04 32.84
C THR C 292 43.72 54.25 33.39
N VAL C 293 43.22 53.27 34.16
CA VAL C 293 41.87 53.35 34.75
C VAL C 293 41.91 52.93 36.21
N ALA C 294 41.65 53.88 37.11
CA ALA C 294 41.58 53.63 38.55
C ALA C 294 40.13 53.57 39.03
N SER C 295 39.83 52.67 39.95
CA SER C 295 38.45 52.51 40.45
C SER C 295 38.40 51.89 41.85
N VAL C 296 37.21 51.89 42.45
CA VAL C 296 37.06 51.37 43.82
C VAL C 296 37.02 49.85 43.82
N ALA C 297 37.86 49.23 44.64
CA ALA C 297 37.86 47.78 44.82
C ALA C 297 36.88 47.37 45.91
N GLU C 298 36.23 46.21 45.72
CA GLU C 298 35.27 45.69 46.70
C GLU C 298 36.00 44.93 47.82
N MET C 299 36.93 44.05 47.44
CA MET C 299 37.84 43.41 48.39
C MET C 299 39.19 44.15 48.38
N PRO C 300 39.99 44.01 49.47
CA PRO C 300 41.37 44.50 49.41
C PRO C 300 42.18 43.72 48.38
N GLN C 301 42.85 44.44 47.49
CA GLN C 301 43.58 43.83 46.36
C GLN C 301 44.91 43.21 46.77
N ASN C 302 45.43 43.55 47.95
CA ASN C 302 46.63 42.93 48.51
C ASN C 302 47.83 43.02 47.56
N TYR C 303 48.26 44.25 47.33
CA TYR C 303 49.53 44.51 46.64
C TYR C 303 50.65 44.31 47.67
N ARG C 304 51.89 44.28 47.19
CA ARG C 304 53.05 44.20 48.09
C ARG C 304 53.18 45.44 48.98
N PRO C 305 53.66 45.28 50.22
CA PRO C 305 54.00 46.46 51.04
C PRO C 305 55.14 47.26 50.42
N HIS C 306 55.02 48.59 50.44
CA HIS C 306 55.95 49.49 49.76
C HIS C 306 55.92 50.87 50.43
N PRO C 307 57.08 51.58 50.49
CA PRO C 307 57.05 52.91 51.12
C PRO C 307 56.11 53.87 50.41
N GLN C 308 56.12 53.84 49.08
CA GLN C 308 55.31 54.75 48.26
C GLN C 308 53.79 54.43 48.26
N ARG C 309 53.39 53.29 48.82
CA ARG C 309 51.96 52.93 48.89
C ARG C 309 51.21 53.65 50.01
N PHE C 310 50.00 54.13 49.72
CA PHE C 310 49.15 54.79 50.73
C PHE C 310 48.53 53.76 51.66
N THR C 311 48.59 54.03 52.96
CA THR C 311 48.09 53.11 53.98
C THR C 311 46.72 53.51 54.54
N TYR C 312 46.47 54.81 54.66
CA TYR C 312 45.22 55.31 55.25
C TYR C 312 44.14 55.55 54.21
N CYS C 313 44.47 56.38 53.21
CA CYS C 313 43.48 56.90 52.26
C CYS C 313 43.51 56.19 50.91
N SER C 314 42.39 56.27 50.19
CA SER C 314 42.14 55.52 48.95
C SER C 314 42.73 56.23 47.72
N GLN C 315 44.06 56.33 47.68
CA GLN C 315 44.75 57.21 46.74
C GLN C 315 45.76 56.48 45.85
N VAL C 316 46.13 57.15 44.76
CA VAL C 316 47.09 56.66 43.78
C VAL C 316 47.69 57.82 42.98
N LEU C 317 48.94 57.65 42.56
CA LEU C 317 49.70 58.71 41.90
C LEU C 317 50.13 58.33 40.50
N GLY C 318 50.58 59.33 39.75
CA GLY C 318 51.11 59.14 38.41
C GLY C 318 52.51 58.55 38.40
N LEU C 319 52.92 58.06 37.23
CA LEU C 319 54.24 57.47 37.05
C LEU C 319 55.32 58.53 36.91
N HIS C 320 55.04 59.57 36.12
CA HIS C 320 56.02 60.62 35.84
C HIS C 320 55.72 61.92 36.60
N CYS C 321 56.79 62.56 37.09
CA CYS C 321 56.73 63.84 37.77
C CYS C 321 57.34 64.94 36.90
N TYR C 322 56.91 66.18 37.12
CA TYR C 322 57.28 67.31 36.25
C TYR C 322 57.80 68.52 37.04
N LYS C 323 59.02 68.96 36.72
CA LYS C 323 59.59 70.21 37.25
C LYS C 323 59.95 71.28 36.21
N LYS C 324 60.01 70.90 34.92
CA LYS C 324 60.31 71.83 33.82
C LYS C 324 59.31 71.67 32.70
N GLY C 325 58.86 72.79 32.12
CA GLY C 325 57.99 72.78 30.94
C GLY C 325 56.51 72.85 31.28
N ILE C 326 55.69 72.79 30.22
CA ILE C 326 54.24 72.90 30.30
C ILE C 326 53.64 71.51 30.10
N HIS C 327 52.58 71.20 30.86
CA HIS C 327 51.93 69.88 30.77
C HIS C 327 50.41 69.95 30.90
N TYR C 328 49.75 68.96 30.31
CA TYR C 328 48.28 68.85 30.30
C TYR C 328 47.84 67.39 30.26
N TRP C 329 46.73 67.09 30.94
CA TRP C 329 46.10 65.77 30.85
C TRP C 329 44.62 65.86 31.20
N GLU C 330 43.82 64.96 30.62
CA GLU C 330 42.37 64.90 30.86
C GLU C 330 42.02 63.63 31.61
N VAL C 331 41.01 63.72 32.49
CA VAL C 331 40.55 62.59 33.31
C VAL C 331 39.02 62.52 33.28
N GLU C 332 38.48 61.34 32.95
CA GLU C 332 37.03 61.11 32.91
C GLU C 332 36.57 60.53 34.24
N LEU C 333 35.60 61.17 34.89
CA LEU C 333 35.15 60.77 36.23
C LEU C 333 33.70 60.29 36.21
N GLN C 334 33.54 58.97 36.23
CA GLN C 334 32.23 58.33 36.28
C GLN C 334 31.77 58.24 37.74
N LYS C 335 30.45 58.35 37.95
CA LYS C 335 29.84 58.40 39.29
C LYS C 335 30.55 59.43 40.18
N ASN C 336 30.55 60.66 39.69
CA ASN C 336 31.18 61.80 40.37
C ASN C 336 30.48 62.14 41.69
N ASN C 337 30.81 61.36 42.72
CA ASN C 337 30.16 61.45 44.03
C ASN C 337 31.20 61.63 45.15
N PHE C 338 32.10 60.65 45.29
CA PHE C 338 33.22 60.72 46.23
C PHE C 338 34.52 60.37 45.48
N CYS C 339 35.07 61.37 44.80
CA CYS C 339 36.32 61.23 44.04
C CYS C 339 37.01 62.60 43.88
N GLY C 340 38.29 62.59 43.48
CA GLY C 340 39.07 63.83 43.35
C GLY C 340 40.33 63.70 42.51
N VAL C 341 40.68 64.80 41.83
CA VAL C 341 41.83 64.89 40.92
C VAL C 341 42.74 66.04 41.34
N GLY C 342 44.05 65.87 41.15
CA GLY C 342 45.01 66.92 41.51
C GLY C 342 46.47 66.66 41.17
N ILE C 343 47.34 67.37 41.89
CA ILE C 343 48.80 67.24 41.79
C ILE C 343 49.43 67.12 43.18
N CYS C 344 50.67 66.64 43.24
CA CYS C 344 51.32 66.38 44.53
C CYS C 344 52.85 66.34 44.43
N TYR C 345 53.55 66.84 45.46
CA TYR C 345 55.02 66.69 45.52
C TYR C 345 55.39 65.27 45.94
N GLY C 346 56.53 64.80 45.41
CA GLY C 346 57.09 63.49 45.78
C GLY C 346 57.43 63.34 47.24
N SER C 347 57.74 64.45 47.90
CA SER C 347 58.06 64.46 49.33
C SER C 347 56.87 64.13 50.24
N MET C 348 55.63 64.27 49.77
CA MET C 348 54.45 64.07 50.63
C MET C 348 54.48 62.68 51.26
N ASN C 349 54.20 62.63 52.57
CA ASN C 349 54.16 61.37 53.31
C ASN C 349 52.89 60.61 52.90
N ARG C 350 53.04 59.30 52.71
CA ARG C 350 51.97 58.45 52.18
C ARG C 350 51.13 57.81 53.28
N GLN C 351 51.60 57.86 54.52
CA GLN C 351 50.96 57.16 55.63
C GLN C 351 50.20 58.10 56.57
N GLY C 352 49.25 57.51 57.31
CA GLY C 352 48.45 58.25 58.29
C GLY C 352 47.37 59.13 57.67
N PRO C 353 46.54 59.79 58.51
CA PRO C 353 45.53 60.72 58.00
C PRO C 353 46.11 61.93 57.25
N GLU C 354 47.29 62.39 57.67
CA GLU C 354 47.99 63.51 57.02
C GLU C 354 48.27 63.32 55.52
N SER C 355 48.46 62.08 55.09
CA SER C 355 48.71 61.75 53.68
C SER C 355 47.58 62.12 52.73
N ARG C 356 46.35 62.16 53.25
CA ARG C 356 45.16 62.58 52.51
C ARG C 356 45.40 63.84 51.66
N LEU C 357 44.93 63.83 50.42
CA LEU C 357 45.20 64.93 49.47
C LEU C 357 44.33 66.14 49.74
N GLY C 358 44.97 67.31 49.74
CA GLY C 358 44.35 68.56 50.15
C GLY C 358 44.64 68.96 51.60
N ARG C 359 45.07 68.01 52.43
CA ARG C 359 45.28 68.24 53.87
C ARG C 359 46.76 68.37 54.25
N ASN C 360 47.57 68.96 53.36
CA ASN C 360 49.00 69.22 53.65
C ASN C 360 49.59 70.26 52.69
N SER C 361 50.81 70.68 52.99
CA SER C 361 51.51 71.70 52.20
C SER C 361 52.03 71.24 50.83
N ALA C 362 51.94 69.94 50.53
CA ALA C 362 52.55 69.37 49.33
C ALA C 362 51.54 68.87 48.28
N SER C 363 50.26 69.25 48.42
CA SER C 363 49.19 68.71 47.58
C SER C 363 48.13 69.77 47.24
N TRP C 364 47.84 69.91 45.95
CA TRP C 364 46.76 70.76 45.45
C TRP C 364 45.80 69.89 44.64
N CYS C 365 44.49 70.00 44.91
CA CYS C 365 43.49 69.16 44.25
C CYS C 365 42.08 69.75 44.22
N VAL C 366 41.25 69.19 43.35
CA VAL C 366 39.81 69.44 43.34
C VAL C 366 39.11 68.14 43.70
N GLU C 367 37.98 68.25 44.42
CA GLU C 367 37.38 67.11 45.09
C GLU C 367 35.84 67.18 45.15
N TRP C 368 35.20 66.02 44.96
CA TRP C 368 33.75 65.85 45.09
C TRP C 368 33.45 65.18 46.42
N PHE C 369 32.48 65.69 47.16
CA PHE C 369 31.99 65.04 48.39
C PHE C 369 30.48 65.25 48.46
N ASN C 370 29.73 64.17 48.20
CA ASN C 370 28.26 64.20 48.02
C ASN C 370 27.85 65.12 46.85
N THR C 371 28.57 64.99 45.74
CA THR C 371 28.39 65.83 44.53
C THR C 371 28.49 67.35 44.76
N LYS C 372 29.30 67.75 45.76
CA LYS C 372 29.60 69.15 46.04
C LYS C 372 31.08 69.35 45.77
N ILE C 373 31.40 70.24 44.83
CA ILE C 373 32.77 70.43 44.35
C ILE C 373 33.53 71.37 45.27
N SER C 374 34.77 71.00 45.62
CA SER C 374 35.61 71.80 46.52
C SER C 374 37.08 71.74 46.07
N ALA C 375 37.74 72.90 46.02
CA ALA C 375 39.18 72.98 45.76
C ALA C 375 39.92 73.00 47.09
N TRP C 376 40.96 72.15 47.22
CA TRP C 376 41.67 71.98 48.50
C TRP C 376 43.18 72.20 48.39
N HIS C 377 43.74 72.79 49.44
CA HIS C 377 45.19 72.82 49.66
C HIS C 377 45.51 73.19 51.11
N ASN C 378 46.25 72.30 51.78
CA ASN C 378 46.75 72.52 53.15
C ASN C 378 45.62 72.76 54.17
N ASN C 379 44.58 71.91 54.10
CA ASN C 379 43.43 71.94 55.04
C ASN C 379 42.61 73.22 54.87
N VAL C 380 42.34 73.59 53.62
CA VAL C 380 41.60 74.80 53.27
C VAL C 380 40.58 74.48 52.18
N GLU C 381 39.30 74.78 52.42
CA GLU C 381 38.21 74.46 51.49
C GLU C 381 37.66 75.69 50.77
N LYS C 382 37.67 75.64 49.43
CA LYS C 382 36.99 76.62 48.58
C LYS C 382 35.82 75.89 47.90
N THR C 383 34.62 76.03 48.47
CA THR C 383 33.44 75.34 47.96
C THR C 383 32.97 75.95 46.62
N LEU C 384 33.20 75.22 45.53
CA LEU C 384 32.99 75.72 44.15
C LEU C 384 31.55 75.49 43.65
N PRO C 385 31.18 76.11 42.50
CA PRO C 385 29.87 75.82 41.90
C PRO C 385 29.83 74.44 41.24
N SER C 386 28.75 73.68 41.45
CA SER C 386 28.59 72.35 40.84
C SER C 386 28.43 72.46 39.32
N THR C 387 28.99 71.49 38.61
CA THR C 387 29.08 71.53 37.15
C THR C 387 28.52 70.26 36.50
N LYS C 388 28.21 70.37 35.21
CA LYS C 388 27.59 69.30 34.44
C LYS C 388 28.64 68.28 34.02
N ALA C 389 29.71 68.80 33.41
CA ALA C 389 30.79 67.99 32.82
C ALA C 389 31.36 66.94 33.77
N THR C 390 31.83 65.83 33.18
CA THR C 390 32.52 64.77 33.91
C THR C 390 33.88 64.41 33.30
N ARG C 391 34.46 65.34 32.52
CA ARG C 391 35.87 65.25 32.11
C ARG C 391 36.64 66.47 32.63
N VAL C 392 37.58 66.21 33.53
CA VAL C 392 38.41 67.25 34.13
C VAL C 392 39.77 67.29 33.42
N GLY C 393 40.06 68.41 32.77
CA GLY C 393 41.37 68.68 32.18
C GLY C 393 42.22 69.47 33.16
N VAL C 394 43.45 69.02 33.40
CA VAL C 394 44.37 69.67 34.35
C VAL C 394 45.59 70.18 33.59
N LEU C 395 45.90 71.48 33.73
CA LEU C 395 47.09 72.07 33.10
C LEU C 395 48.10 72.52 34.15
N LEU C 396 49.39 72.32 33.87
CA LEU C 396 50.48 72.69 34.77
C LEU C 396 51.58 73.44 34.01
N ASN C 397 52.06 74.54 34.59
CA ASN C 397 53.13 75.37 34.00
C ASN C 397 54.32 75.50 34.96
N CYS C 398 55.29 74.59 34.81
CA CYS C 398 56.50 74.62 35.63
C CYS C 398 57.43 75.80 35.30
N ASP C 399 57.36 76.29 34.07
CA ASP C 399 58.20 77.41 33.61
C ASP C 399 57.90 78.70 34.38
N HIS C 400 56.61 79.00 34.54
CA HIS C 400 56.17 80.22 35.22
C HIS C 400 55.71 79.94 36.65
N GLY C 401 54.79 78.98 36.81
CA GLY C 401 54.32 78.56 38.13
C GLY C 401 52.84 78.76 38.34
N PHE C 402 52.04 77.94 37.66
CA PHE C 402 50.61 77.85 37.92
C PHE C 402 50.03 76.51 37.48
N VAL C 403 49.00 76.08 38.21
CA VAL C 403 48.22 74.88 37.87
C VAL C 403 46.75 75.30 37.74
N ILE C 404 46.09 74.79 36.70
CA ILE C 404 44.72 75.16 36.37
C ILE C 404 43.88 73.90 36.18
N PHE C 405 42.66 73.93 36.74
CA PHE C 405 41.68 72.85 36.61
C PHE C 405 40.53 73.33 35.72
N PHE C 406 40.18 72.55 34.70
CA PHE C 406 39.09 72.88 33.78
C PHE C 406 37.99 71.82 33.85
N ALA C 407 36.78 72.25 33.50
CA ALA C 407 35.64 71.34 33.27
C ALA C 407 35.41 71.24 31.75
N VAL C 408 35.27 70.00 31.26
CA VAL C 408 35.12 69.74 29.82
C VAL C 408 33.92 68.83 29.53
N ALA C 409 32.94 69.36 28.79
CA ALA C 409 31.85 68.58 28.20
C ALA C 409 31.89 68.73 26.68
N ASP C 410 31.73 69.98 26.22
CA ASP C 410 31.96 70.37 24.82
C ASP C 410 32.99 71.50 24.77
N LYS C 411 32.65 72.62 25.41
CA LYS C 411 33.56 73.76 25.57
C LYS C 411 34.53 73.49 26.73
N VAL C 412 35.38 74.47 27.04
CA VAL C 412 36.29 74.41 28.19
C VAL C 412 35.86 75.44 29.24
N HIS C 413 35.17 74.97 30.30
CA HIS C 413 34.83 75.82 31.45
C HIS C 413 35.94 75.79 32.49
N LEU C 414 35.96 76.81 33.35
CA LEU C 414 36.99 76.96 34.38
C LEU C 414 36.44 76.58 35.76
N MET C 415 37.17 75.72 36.48
CA MET C 415 36.82 75.31 37.85
C MET C 415 37.61 76.13 38.86
N TYR C 416 38.94 76.03 38.80
CA TYR C 416 39.83 76.76 39.72
C TYR C 416 41.29 76.80 39.22
N LYS C 417 42.06 77.69 39.84
CA LYS C 417 43.48 77.89 39.53
C LYS C 417 44.29 77.99 40.82
N PHE C 418 45.61 77.77 40.72
CA PHE C 418 46.55 78.06 41.82
C PHE C 418 47.79 78.78 41.29
N ARG C 419 48.18 79.87 41.97
CA ARG C 419 49.35 80.66 41.61
C ARG C 419 50.48 80.32 42.56
N VAL C 420 51.36 79.41 42.15
CA VAL C 420 52.42 78.89 43.03
C VAL C 420 53.77 78.79 42.30
N ASP C 421 54.81 79.37 42.89
CA ASP C 421 56.20 79.02 42.53
C ASP C 421 56.55 77.73 43.26
N PHE C 422 56.63 76.63 42.50
CA PHE C 422 56.75 75.29 43.09
C PHE C 422 58.19 74.98 43.51
N THR C 423 58.32 74.30 44.66
CA THR C 423 59.62 73.98 45.25
C THR C 423 60.34 72.83 44.53
N GLU C 424 59.59 71.77 44.20
CA GLU C 424 60.14 70.57 43.56
C GLU C 424 59.14 69.99 42.53
N ALA C 425 59.53 68.90 41.87
CA ALA C 425 58.68 68.26 40.85
C ALA C 425 57.33 67.77 41.38
N LEU C 426 56.34 67.75 40.49
CA LEU C 426 54.97 67.32 40.81
C LEU C 426 54.54 66.05 40.07
N TYR C 427 54.00 65.10 40.81
CA TYR C 427 53.29 63.94 40.26
C TYR C 427 51.79 64.26 40.20
N PRO C 428 51.09 63.87 39.12
CA PRO C 428 49.61 63.88 39.11
C PRO C 428 49.03 62.93 40.18
N ALA C 429 47.89 63.32 40.76
CA ALA C 429 47.34 62.63 41.93
C ALA C 429 45.83 62.44 41.81
N PHE C 430 45.35 61.30 42.36
CA PHE C 430 43.98 60.84 42.14
C PHE C 430 43.43 60.15 43.39
N TRP C 431 42.16 60.43 43.70
CA TRP C 431 41.46 59.82 44.85
C TRP C 431 40.06 59.36 44.42
N VAL C 432 39.63 58.20 44.94
CA VAL C 432 38.29 57.63 44.70
C VAL C 432 37.80 56.83 45.92
N PHE C 433 36.54 57.03 46.30
CA PHE C 433 36.00 56.41 47.53
C PHE C 433 34.60 55.77 47.43
N SER C 434 33.68 56.36 46.66
CA SER C 434 32.33 55.81 46.52
C SER C 434 32.39 54.55 45.66
N ALA C 435 32.00 53.41 46.24
CA ALA C 435 32.08 52.11 45.58
C ALA C 435 31.34 52.12 44.23
N GLY C 436 32.07 52.45 43.17
CA GLY C 436 31.50 52.68 41.84
C GLY C 436 32.26 53.72 41.03
N ALA C 437 32.77 54.75 41.71
CA ALA C 437 33.55 55.82 41.06
C ALA C 437 34.80 55.30 40.36
N THR C 438 35.17 55.99 39.29
CA THR C 438 36.19 55.52 38.35
C THR C 438 36.83 56.68 37.61
N LEU C 439 38.16 56.77 37.69
CA LEU C 439 38.95 57.80 37.01
C LEU C 439 39.76 57.18 35.87
N SER C 440 39.59 57.72 34.67
CA SER C 440 40.18 57.17 33.45
C SER C 440 40.94 58.25 32.71
N ILE C 441 42.17 57.96 32.29
CA ILE C 441 42.97 58.93 31.52
C ILE C 441 42.43 59.01 30.09
N CYS C 442 42.18 60.22 29.61
CA CYS C 442 41.66 60.43 28.25
C CYS C 442 42.83 60.71 27.31
N SER C 443 42.80 60.10 26.12
CA SER C 443 43.73 60.45 25.04
C SER C 443 43.14 61.02 23.71
N PRO C 444 41.89 61.57 23.72
CA PRO C 444 41.51 62.46 22.62
C PRO C 444 42.22 63.81 22.70
#